data_8FRC
#
_entry.id   8FRC
#
_cell.length_a   70.933
_cell.length_b   92.690
_cell.length_c   105.123
_cell.angle_alpha   90.000
_cell.angle_beta   90.000
_cell.angle_gamma   90.000
#
_symmetry.space_group_name_H-M   'P 2 21 21'
#
loop_
_entity.id
_entity.type
_entity.pdbx_description
1 polymer 'Acidic mammalian chitinase'
2 branched 2-acetamido-2-deoxy-beta-D-glucopyranose-(1-4)-2-acetamido-2-deoxy-beta-D-glucopyranose
3 water water
#
_entity_poly.entity_id   1
_entity_poly.type   'polypeptide(L)'
_entity_poly.pdbx_seq_one_letter_code
;MAKLLLVTGLALLLNAQLGSAYNLICYFTNWAQYRPGLGSFKPDDINPCLCTHLIYAFAGMQNNEITTIEWNDVTLYKAF
NDLKNRNSKLKTLLAIGGWNFGTAPFTTMVSTSQNRQTFITSVIKFLRQYGFDGLDLDWEYPGSRGSPPQDKHLFTVLVK
EMREAFEQEAIESNRPRLMVTAAVAGGISNIQAGYEIPELSKYLDFIHVMTYDLHGSWEGYTGENSPLYKYPTETGSNAY
LNVDYVMNYWKNNGAPAEKLIVGFPEYGHTFILRNPSDNGIGAPTSGDGPAGPYTRQAGFWAYYEICTFLRSGATEVWDA
SQEVPYAYKANEWLGYDNIKSFSVKAQWLKQNNFGGAMIWAIDLDDFTGSFCDQGKFPLTSTLNKALGISTHHHHHH
;
_entity_poly.pdbx_strand_id   A,B
#
loop_
_chem_comp.id
_chem_comp.type
_chem_comp.name
_chem_comp.formula
NAG D-saccharide, beta linking 2-acetamido-2-deoxy-beta-D-glucopyranose 'C8 H15 N O6'
#
# COMPACT_ATOMS: atom_id res chain seq x y z
N TYR A 22 -13.84 12.92 -33.56
CA TYR A 22 -12.95 12.78 -32.42
C TYR A 22 -13.69 12.04 -31.31
N ASN A 23 -12.93 11.39 -30.44
CA ASN A 23 -13.49 10.73 -29.27
C ASN A 23 -13.14 11.53 -28.02
N LEU A 24 -14.05 11.50 -27.05
CA LEU A 24 -13.83 12.10 -25.74
C LEU A 24 -14.10 11.00 -24.72
N ILE A 25 -13.02 10.46 -24.15
CA ILE A 25 -13.08 9.32 -23.24
C ILE A 25 -12.97 9.84 -21.82
N CYS A 26 -13.91 9.46 -20.97
CA CYS A 26 -14.02 10.03 -19.63
C CYS A 26 -13.96 8.92 -18.60
N TYR A 27 -12.95 8.98 -17.74
CA TYR A 27 -12.82 8.04 -16.63
C TYR A 27 -13.72 8.44 -15.47
N PHE A 28 -14.38 7.44 -14.88
CA PHE A 28 -15.12 7.56 -13.63
C PHE A 28 -14.48 6.64 -12.59
N THR A 29 -14.36 7.11 -11.35
CA THR A 29 -13.67 6.36 -10.31
C THR A 29 -14.66 5.86 -9.27
N ASN A 30 -14.59 4.57 -8.92
CA ASN A 30 -15.60 4.00 -8.04
C ASN A 30 -15.35 4.28 -6.55
N TRP A 31 -14.34 5.08 -6.21
CA TRP A 31 -14.12 5.52 -4.84
C TRP A 31 -14.52 6.98 -4.63
N ALA A 32 -14.89 7.70 -5.70
CA ALA A 32 -15.34 9.07 -5.54
C ALA A 32 -16.59 9.13 -4.69
N GLN A 33 -17.37 8.05 -4.65
CA GLN A 33 -18.58 8.01 -3.84
C GLN A 33 -18.31 8.28 -2.37
N TYR A 34 -17.09 8.04 -1.90
CA TYR A 34 -16.81 8.16 -0.48
C TYR A 34 -16.32 9.54 -0.06
N ARG A 35 -16.17 10.47 -0.99
CA ARG A 35 -15.71 11.80 -0.62
C ARG A 35 -16.78 12.54 0.18
N PRO A 36 -16.39 13.42 1.10
CA PRO A 36 -17.37 14.06 1.98
C PRO A 36 -18.23 15.08 1.24
N GLY A 37 -19.44 15.27 1.74
CA GLY A 37 -20.26 16.38 1.28
C GLY A 37 -20.45 16.39 -0.23
N LEU A 38 -20.27 17.57 -0.82
CA LEU A 38 -20.48 17.73 -2.25
C LEU A 38 -19.42 17.05 -3.10
N GLY A 39 -18.37 16.48 -2.50
CA GLY A 39 -17.42 15.72 -3.31
C GLY A 39 -17.93 14.36 -3.77
N SER A 40 -18.94 13.82 -3.08
CA SER A 40 -19.48 12.51 -3.42
C SER A 40 -20.04 12.47 -4.85
N PHE A 41 -19.63 11.45 -5.60
CA PHE A 41 -19.93 11.32 -7.02
C PHE A 41 -20.18 9.87 -7.40
N LYS A 42 -21.28 9.64 -8.09
CA LYS A 42 -21.74 8.34 -8.57
C LYS A 42 -22.17 8.48 -10.01
N PRO A 43 -22.39 7.36 -10.73
CA PRO A 43 -22.58 7.45 -12.19
C PRO A 43 -23.78 8.29 -12.59
N ASP A 44 -24.82 8.29 -11.76
CA ASP A 44 -25.98 9.14 -11.98
C ASP A 44 -25.62 10.62 -12.08
N ASP A 45 -24.49 11.03 -11.51
CA ASP A 45 -24.05 12.42 -11.63
C ASP A 45 -23.41 12.73 -12.98
N ILE A 46 -23.21 11.74 -13.85
CA ILE A 46 -22.59 11.95 -15.15
C ILE A 46 -23.62 12.44 -16.15
N ASN A 47 -23.29 13.52 -16.87
CA ASN A 47 -24.09 13.96 -18.01
C ASN A 47 -23.84 13.00 -19.17
N PRO A 48 -24.82 12.21 -19.60
CA PRO A 48 -24.55 11.18 -20.61
C PRO A 48 -24.13 11.73 -21.96
N CYS A 49 -24.33 13.01 -22.24
CA CYS A 49 -24.04 13.55 -23.56
C CYS A 49 -22.66 14.21 -23.66
N LEU A 50 -21.88 14.23 -22.59
CA LEU A 50 -20.60 14.94 -22.60
C LEU A 50 -19.52 14.18 -23.37
N CYS A 51 -19.44 12.87 -23.18
CA CYS A 51 -18.35 12.05 -23.70
C CYS A 51 -18.87 11.08 -24.75
N THR A 52 -17.93 10.55 -25.54
CA THR A 52 -18.25 9.45 -26.45
C THR A 52 -18.06 8.09 -25.79
N HIS A 53 -17.12 8.00 -24.84
CA HIS A 53 -16.83 6.77 -24.13
C HIS A 53 -16.67 7.07 -22.65
N LEU A 54 -17.29 6.26 -21.80
CA LEU A 54 -17.07 6.30 -20.36
C LEU A 54 -16.29 5.07 -19.94
N ILE A 55 -15.28 5.24 -19.09
CA ILE A 55 -14.47 4.13 -18.62
C ILE A 55 -14.58 4.07 -17.10
N TYR A 56 -14.85 2.87 -16.59
CA TYR A 56 -15.11 2.63 -15.18
C TYR A 56 -13.81 2.19 -14.52
N ALA A 57 -13.28 3.00 -13.61
CA ALA A 57 -12.05 2.70 -12.89
C ALA A 57 -12.42 2.33 -11.46
N PHE A 58 -12.08 1.11 -11.02
CA PHE A 58 -11.33 0.03 -11.63
C PHE A 58 -11.97 -1.29 -11.24
N ALA A 59 -11.79 -2.29 -12.08
CA ALA A 59 -11.91 -3.68 -11.66
C ALA A 59 -10.57 -4.17 -11.12
N GLY A 60 -10.62 -5.31 -10.44
CA GLY A 60 -9.44 -5.94 -9.90
C GLY A 60 -9.25 -7.33 -10.47
N MET A 61 -8.47 -8.16 -9.78
CA MET A 61 -8.15 -9.48 -10.28
C MET A 61 -7.97 -10.41 -9.10
N GLN A 62 -8.52 -11.63 -9.20
CA GLN A 62 -8.32 -12.65 -8.18
C GLN A 62 -8.21 -14.01 -8.86
N ASN A 63 -7.17 -14.78 -8.51
CA ASN A 63 -6.93 -16.08 -9.13
C ASN A 63 -7.05 -15.98 -10.65
N ASN A 64 -6.39 -14.96 -11.20
CA ASN A 64 -6.28 -14.70 -12.63
C ASN A 64 -7.62 -14.40 -13.31
N GLU A 65 -8.63 -13.99 -12.54
CA GLU A 65 -9.93 -13.59 -13.07
C GLU A 65 -10.29 -12.17 -12.64
N ILE A 66 -10.93 -11.43 -13.55
CA ILE A 66 -11.40 -10.08 -13.24
C ILE A 66 -12.49 -10.16 -12.16
N THR A 67 -12.53 -9.16 -11.29
CA THR A 67 -13.49 -9.12 -10.20
C THR A 67 -13.85 -7.67 -9.87
N THR A 68 -14.96 -7.52 -9.14
CA THR A 68 -15.29 -6.24 -8.52
C THR A 68 -14.34 -5.97 -7.37
N ILE A 69 -14.33 -4.72 -6.93
N ILE A 69 -14.34 -4.70 -6.90
CA ILE A 69 -13.54 -4.27 -5.81
CA ILE A 69 -13.49 -4.30 -5.79
C ILE A 69 -14.37 -3.64 -4.72
C ILE A 69 -14.23 -3.41 -4.78
N GLU A 70 -15.46 -2.98 -5.10
CA GLU A 70 -16.28 -2.21 -4.18
C GLU A 70 -17.56 -2.99 -3.93
N TRP A 71 -18.07 -2.92 -2.70
CA TRP A 71 -19.27 -3.67 -2.34
C TRP A 71 -20.43 -3.39 -3.29
N ASN A 72 -20.55 -2.16 -3.80
CA ASN A 72 -21.68 -1.81 -4.65
C ASN A 72 -21.31 -1.70 -6.13
N ASP A 73 -20.21 -2.31 -6.55
CA ASP A 73 -19.80 -2.18 -7.94
C ASP A 73 -20.90 -2.65 -8.89
N VAL A 74 -21.60 -3.73 -8.55
CA VAL A 74 -22.60 -4.26 -9.49
C VAL A 74 -23.72 -3.25 -9.67
N THR A 75 -24.06 -2.54 -8.59
CA THR A 75 -25.05 -1.48 -8.65
C THR A 75 -24.56 -0.32 -9.50
N LEU A 76 -23.31 0.06 -9.31
CA LEU A 76 -22.77 1.18 -10.05
C LEU A 76 -22.57 0.83 -11.51
N TYR A 77 -22.22 -0.43 -11.82
CA TYR A 77 -22.15 -0.87 -13.21
C TYR A 77 -23.48 -0.65 -13.91
N LYS A 78 -24.59 -1.01 -13.25
CA LYS A 78 -25.92 -0.81 -13.81
C LYS A 78 -26.21 0.68 -14.02
N ALA A 79 -25.94 1.50 -12.99
CA ALA A 79 -26.14 2.94 -13.13
C ALA A 79 -25.27 3.52 -14.24
N PHE A 80 -24.06 3.00 -14.36
CA PHE A 80 -23.10 3.47 -15.38
C PHE A 80 -23.59 3.12 -16.77
N ASN A 81 -23.93 1.86 -17.00
CA ASN A 81 -24.36 1.45 -18.34
C ASN A 81 -25.79 1.89 -18.65
N ASP A 82 -26.59 2.22 -17.64
CA ASP A 82 -27.89 2.84 -17.88
C ASP A 82 -27.77 4.24 -18.48
N LEU A 83 -26.59 4.88 -18.37
CA LEU A 83 -26.42 6.17 -19.03
C LEU A 83 -26.58 6.05 -20.55
N LYS A 84 -26.38 4.85 -21.10
CA LYS A 84 -26.65 4.66 -22.52
C LYS A 84 -28.12 4.82 -22.85
N ASN A 85 -29.02 4.73 -21.86
CA ASN A 85 -30.44 4.97 -22.10
C ASN A 85 -30.73 6.42 -22.49
N ARG A 86 -29.75 7.31 -22.38
CA ARG A 86 -29.93 8.72 -22.74
C ARG A 86 -28.88 9.17 -23.73
N ASN A 87 -28.23 8.23 -24.42
CA ASN A 87 -27.25 8.55 -25.46
C ASN A 87 -26.91 7.25 -26.20
N SER A 88 -27.57 7.03 -27.35
CA SER A 88 -27.41 5.79 -28.09
C SER A 88 -26.04 5.63 -28.70
N LYS A 89 -25.28 6.72 -28.80
CA LYS A 89 -23.92 6.66 -29.31
C LYS A 89 -22.91 6.24 -28.24
N LEU A 90 -23.25 6.37 -26.97
CA LEU A 90 -22.28 6.22 -25.89
C LEU A 90 -21.82 4.78 -25.75
N LYS A 91 -20.51 4.61 -25.55
CA LYS A 91 -19.93 3.31 -25.27
C LYS A 91 -19.28 3.34 -23.90
N THR A 92 -19.23 2.18 -23.25
CA THR A 92 -18.63 2.08 -21.93
C THR A 92 -17.58 0.98 -21.93
N LEU A 93 -16.52 1.21 -21.16
CA LEU A 93 -15.47 0.23 -20.96
C LEU A 93 -15.19 0.10 -19.47
N LEU A 94 -14.68 -1.06 -19.08
CA LEU A 94 -14.25 -1.33 -17.72
C LEU A 94 -12.72 -1.35 -17.69
N ALA A 95 -12.12 -0.49 -16.85
CA ALA A 95 -10.67 -0.48 -16.68
C ALA A 95 -10.26 -1.45 -15.58
N ILE A 96 -9.17 -2.20 -15.82
CA ILE A 96 -8.62 -3.11 -14.82
C ILE A 96 -7.21 -2.67 -14.48
N GLY A 97 -6.91 -2.63 -13.17
CA GLY A 97 -5.59 -2.24 -12.73
C GLY A 97 -5.53 -0.86 -12.08
N GLY A 98 -4.75 0.03 -12.67
CA GLY A 98 -4.50 1.33 -12.08
C GLY A 98 -3.17 1.38 -11.35
N TRP A 99 -2.77 2.61 -10.98
CA TRP A 99 -1.50 2.79 -10.29
C TRP A 99 -1.38 1.91 -9.05
N ASN A 100 -2.37 1.97 -8.17
CA ASN A 100 -2.28 1.32 -6.86
C ASN A 100 -2.45 -0.19 -6.93
N PHE A 101 -2.76 -0.73 -8.12
CA PHE A 101 -2.86 -2.17 -8.31
C PHE A 101 -1.50 -2.84 -8.40
N GLY A 102 -0.45 -2.06 -8.66
CA GLY A 102 0.87 -2.62 -8.80
C GLY A 102 0.96 -3.48 -10.04
N THR A 103 1.89 -4.44 -10.00
CA THR A 103 2.21 -5.23 -11.18
C THR A 103 2.13 -6.73 -10.93
N ALA A 104 2.40 -7.19 -9.71
CA ALA A 104 2.55 -8.62 -9.45
C ALA A 104 1.41 -9.47 -9.99
N PRO A 105 0.14 -9.11 -9.79
CA PRO A 105 -0.94 -9.95 -10.37
C PRO A 105 -0.93 -9.99 -11.88
N PHE A 106 -0.55 -8.89 -12.54
CA PHE A 106 -0.41 -8.90 -13.99
C PHE A 106 0.75 -9.80 -14.43
N THR A 107 1.89 -9.69 -13.74
CA THR A 107 3.04 -10.53 -14.07
C THR A 107 2.66 -12.00 -13.99
N THR A 108 2.03 -12.41 -12.88
CA THR A 108 1.60 -13.80 -12.75
C THR A 108 0.61 -14.20 -13.83
N MET A 109 -0.33 -13.31 -14.15
CA MET A 109 -1.38 -13.65 -15.10
C MET A 109 -0.83 -13.84 -16.51
N VAL A 110 0.13 -13.01 -16.95
CA VAL A 110 0.62 -13.14 -18.32
C VAL A 110 1.72 -14.19 -18.45
N SER A 111 2.19 -14.76 -17.33
CA SER A 111 3.38 -15.61 -17.35
C SER A 111 3.15 -16.96 -18.04
N THR A 112 1.90 -17.41 -18.17
CA THR A 112 1.62 -18.66 -18.86
C THR A 112 0.39 -18.50 -19.73
N SER A 113 0.33 -19.27 -20.82
CA SER A 113 -0.82 -19.22 -21.72
C SER A 113 -2.10 -19.61 -20.98
N GLN A 114 -2.00 -20.57 -20.06
CA GLN A 114 -3.18 -20.99 -19.29
C GLN A 114 -3.73 -19.84 -18.44
N ASN A 115 -2.85 -19.14 -17.73
CA ASN A 115 -3.30 -18.01 -16.90
C ASN A 115 -3.92 -16.92 -17.76
N ARG A 116 -3.34 -16.65 -18.94
CA ARG A 116 -3.94 -15.64 -19.83
C ARG A 116 -5.31 -16.07 -20.30
N GLN A 117 -5.48 -17.35 -20.61
CA GLN A 117 -6.79 -17.83 -21.08
C GLN A 117 -7.83 -17.75 -19.97
N THR A 118 -7.44 -18.08 -18.74
CA THR A 118 -8.34 -17.93 -17.61
C THR A 118 -8.81 -16.48 -17.49
N PHE A 119 -7.89 -15.54 -17.63
CA PHE A 119 -8.23 -14.12 -17.52
C PHE A 119 -9.12 -13.67 -18.66
N ILE A 120 -8.70 -13.92 -19.91
CA ILE A 120 -9.49 -13.49 -21.05
C ILE A 120 -10.90 -14.05 -20.98
N THR A 121 -11.02 -15.34 -20.64
CA THR A 121 -12.35 -15.94 -20.57
C THR A 121 -13.18 -15.25 -19.49
N SER A 122 -12.57 -14.94 -18.34
CA SER A 122 -13.31 -14.25 -17.27
C SER A 122 -13.73 -12.85 -17.72
N VAL A 123 -12.89 -12.18 -18.51
CA VAL A 123 -13.18 -10.82 -18.96
C VAL A 123 -14.38 -10.82 -19.89
N ILE A 124 -14.42 -11.74 -20.85
CA ILE A 124 -15.55 -11.81 -21.79
C ILE A 124 -16.87 -11.97 -21.05
N LYS A 125 -16.94 -12.96 -20.15
CA LYS A 125 -18.16 -13.20 -19.40
C LYS A 125 -18.54 -12.00 -18.56
N PHE A 126 -17.56 -11.38 -17.90
CA PHE A 126 -17.81 -10.25 -17.03
C PHE A 126 -18.35 -9.06 -17.81
N LEU A 127 -17.67 -8.68 -18.90
CA LEU A 127 -18.11 -7.51 -19.65
C LEU A 127 -19.52 -7.72 -20.23
N ARG A 128 -19.79 -8.90 -20.78
CA ARG A 128 -21.10 -9.15 -21.36
C ARG A 128 -22.19 -9.16 -20.29
N GLN A 129 -21.89 -9.75 -19.12
N GLN A 129 -21.89 -9.75 -19.12
CA GLN A 129 -22.91 -9.85 -18.09
CA GLN A 129 -22.91 -9.86 -18.08
C GLN A 129 -23.35 -8.48 -17.59
C GLN A 129 -23.34 -8.49 -17.56
N TYR A 130 -22.40 -7.56 -17.42
CA TYR A 130 -22.68 -6.29 -16.76
C TYR A 130 -22.87 -5.12 -17.72
N GLY A 131 -22.75 -5.35 -19.03
CA GLY A 131 -23.17 -4.35 -19.99
C GLY A 131 -22.07 -3.44 -20.51
N PHE A 132 -20.81 -3.87 -20.40
CA PHE A 132 -19.67 -3.11 -20.91
C PHE A 132 -19.37 -3.46 -22.36
N ASP A 133 -18.86 -2.46 -23.09
CA ASP A 133 -18.50 -2.62 -24.50
C ASP A 133 -17.02 -2.93 -24.71
N GLY A 134 -16.23 -3.01 -23.66
CA GLY A 134 -14.82 -3.33 -23.83
C GLY A 134 -14.06 -3.22 -22.54
N LEU A 135 -12.76 -3.54 -22.65
CA LEU A 135 -11.83 -3.54 -21.53
C LEU A 135 -10.68 -2.56 -21.77
N ASP A 136 -10.39 -1.72 -20.76
CA ASP A 136 -9.23 -0.83 -20.75
C ASP A 136 -8.18 -1.42 -19.82
N LEU A 137 -7.10 -1.93 -20.39
CA LEU A 137 -5.98 -2.46 -19.62
C LEU A 137 -5.17 -1.31 -19.04
N ASP A 138 -5.08 -1.25 -17.71
N ASP A 138 -5.07 -1.24 -17.71
CA ASP A 138 -4.30 -0.22 -17.02
CA ASP A 138 -4.27 -0.19 -17.08
C ASP A 138 -3.21 -0.84 -16.15
C ASP A 138 -3.20 -0.81 -16.17
N TRP A 139 -2.31 -1.59 -16.78
CA TRP A 139 -1.14 -2.14 -16.09
C TRP A 139 -0.08 -1.06 -16.05
N GLU A 140 0.30 -0.62 -14.87
CA GLU A 140 1.29 0.45 -14.72
C GLU A 140 2.48 -0.12 -13.95
N TYR A 141 3.47 -0.65 -14.67
CA TYR A 141 3.55 -0.80 -16.12
C TYR A 141 4.32 -2.11 -16.37
N PRO A 142 4.08 -2.77 -17.49
CA PRO A 142 4.94 -3.89 -17.87
C PRO A 142 6.38 -3.44 -17.85
N GLY A 143 7.25 -4.24 -17.24
CA GLY A 143 8.67 -3.97 -17.25
C GLY A 143 9.15 -2.95 -16.24
N SER A 144 8.27 -2.39 -15.43
CA SER A 144 8.65 -1.42 -14.41
C SER A 144 7.94 -1.74 -13.10
N ARG A 145 8.35 -1.05 -12.03
CA ARG A 145 7.73 -1.19 -10.72
C ARG A 145 7.65 -2.66 -10.29
N GLY A 146 8.74 -3.39 -10.50
CA GLY A 146 8.84 -4.77 -10.09
C GLY A 146 8.54 -5.79 -11.17
N SER A 147 7.91 -5.38 -12.25
CA SER A 147 7.61 -6.30 -13.35
C SER A 147 8.88 -6.65 -14.10
N PRO A 148 9.17 -7.93 -14.33
CA PRO A 148 10.44 -8.33 -14.97
C PRO A 148 10.47 -8.02 -16.46
N PRO A 149 11.66 -8.06 -17.08
CA PRO A 149 11.77 -7.57 -18.46
C PRO A 149 10.98 -8.36 -19.49
N GLN A 150 10.64 -9.62 -19.19
CA GLN A 150 9.89 -10.41 -20.15
C GLN A 150 8.46 -9.90 -20.31
N ASP A 151 7.96 -9.12 -19.36
CA ASP A 151 6.60 -8.62 -19.44
C ASP A 151 6.42 -7.61 -20.56
N LYS A 152 7.49 -7.01 -21.08
CA LYS A 152 7.33 -6.14 -22.24
C LYS A 152 6.71 -6.92 -23.40
N HIS A 153 7.30 -8.07 -23.74
CA HIS A 153 6.75 -8.87 -24.83
C HIS A 153 5.48 -9.60 -24.41
N LEU A 154 5.41 -10.05 -23.15
CA LEU A 154 4.22 -10.78 -22.74
C LEU A 154 2.99 -9.87 -22.73
N PHE A 155 3.18 -8.57 -22.47
CA PHE A 155 2.06 -7.66 -22.60
C PHE A 155 1.52 -7.66 -24.02
N THR A 156 2.41 -7.67 -25.01
CA THR A 156 1.97 -7.75 -26.40
C THR A 156 1.21 -9.04 -26.64
N VAL A 157 1.70 -10.15 -26.07
CA VAL A 157 1.04 -11.43 -26.25
C VAL A 157 -0.36 -11.39 -25.65
N LEU A 158 -0.48 -10.84 -24.43
CA LEU A 158 -1.78 -10.70 -23.81
C LEU A 158 -2.74 -9.91 -24.70
N VAL A 159 -2.31 -8.75 -25.18
CA VAL A 159 -3.20 -7.91 -25.97
C VAL A 159 -3.58 -8.61 -27.26
N LYS A 160 -2.61 -9.25 -27.91
CA LYS A 160 -2.92 -9.96 -29.14
C LYS A 160 -3.93 -11.07 -28.89
N GLU A 161 -3.70 -11.88 -27.86
CA GLU A 161 -4.62 -12.98 -27.56
C GLU A 161 -5.99 -12.44 -27.15
N MET A 162 -6.03 -11.30 -26.44
N MET A 162 -6.03 -11.31 -26.45
CA MET A 162 -7.29 -10.71 -26.04
CA MET A 162 -7.33 -10.75 -26.06
C MET A 162 -8.04 -10.18 -27.26
C MET A 162 -8.05 -10.19 -27.28
N ARG A 163 -7.34 -9.47 -28.15
CA ARG A 163 -7.95 -8.98 -29.37
C ARG A 163 -8.52 -10.13 -30.19
N GLU A 164 -7.77 -11.22 -30.32
CA GLU A 164 -8.24 -12.37 -31.08
C GLU A 164 -9.42 -13.04 -30.38
N ALA A 165 -9.38 -13.15 -29.05
CA ALA A 165 -10.50 -13.76 -28.35
C ALA A 165 -11.75 -12.91 -28.48
N PHE A 166 -11.60 -11.59 -28.55
CA PHE A 166 -12.75 -10.71 -28.71
C PHE A 166 -13.34 -10.85 -30.12
N GLU A 167 -12.49 -11.01 -31.12
CA GLU A 167 -13.00 -11.25 -32.47
C GLU A 167 -13.78 -12.55 -32.52
N GLN A 168 -13.25 -13.60 -31.88
CA GLN A 168 -13.93 -14.90 -31.92
C GLN A 168 -15.23 -14.88 -31.13
N GLU A 169 -15.29 -14.13 -30.02
CA GLU A 169 -16.53 -14.05 -29.26
C GLU A 169 -17.60 -13.29 -30.03
N ALA A 170 -17.20 -12.26 -30.78
CA ALA A 170 -18.16 -11.57 -31.65
C ALA A 170 -18.77 -12.55 -32.65
N ILE A 171 -17.93 -13.41 -33.25
CA ILE A 171 -18.42 -14.44 -34.15
C ILE A 171 -19.37 -15.39 -33.40
N GLU A 172 -18.95 -15.82 -32.22
CA GLU A 172 -19.67 -16.87 -31.49
C GLU A 172 -21.00 -16.37 -30.94
N SER A 173 -21.09 -15.09 -30.56
CA SER A 173 -22.30 -14.54 -29.97
C SER A 173 -23.10 -13.68 -30.95
N ASN A 174 -22.58 -13.43 -32.15
CA ASN A 174 -23.25 -12.58 -33.13
C ASN A 174 -23.53 -11.18 -32.58
N ARG A 175 -22.60 -10.64 -31.80
CA ARG A 175 -22.65 -9.27 -31.32
C ARG A 175 -21.46 -8.51 -31.88
N PRO A 176 -21.53 -7.17 -31.91
CA PRO A 176 -20.32 -6.40 -32.23
C PRO A 176 -19.19 -6.74 -31.26
N ARG A 177 -17.98 -6.70 -31.78
CA ARG A 177 -16.81 -7.05 -31.01
C ARG A 177 -16.62 -6.16 -29.79
N LEU A 178 -16.24 -6.75 -28.68
CA LEU A 178 -15.74 -5.98 -27.54
C LEU A 178 -14.46 -5.24 -27.94
N MET A 179 -14.30 -4.04 -27.42
CA MET A 179 -13.09 -3.24 -27.62
C MET A 179 -12.02 -3.62 -26.61
N VAL A 180 -10.76 -3.52 -27.03
CA VAL A 180 -9.62 -3.63 -26.14
C VAL A 180 -8.78 -2.36 -26.27
N THR A 181 -8.63 -1.64 -25.18
CA THR A 181 -7.83 -0.42 -25.13
C THR A 181 -6.83 -0.55 -23.99
N ALA A 182 -5.91 0.40 -23.91
CA ALA A 182 -4.91 0.38 -22.85
C ALA A 182 -4.54 1.80 -22.46
N ALA A 183 -4.43 2.03 -21.17
CA ALA A 183 -3.82 3.25 -20.66
C ALA A 183 -2.32 2.99 -20.52
N VAL A 184 -1.52 3.89 -21.09
CA VAL A 184 -0.09 3.62 -21.25
C VAL A 184 0.74 4.79 -20.72
N ALA A 185 1.98 4.46 -20.38
CA ALA A 185 2.84 5.38 -19.66
C ALA A 185 3.13 6.63 -20.49
N GLY A 186 3.28 7.74 -19.78
CA GLY A 186 3.77 8.97 -20.38
C GLY A 186 5.25 9.23 -20.16
N GLY A 187 5.89 8.47 -19.25
CA GLY A 187 7.32 8.62 -18.99
C GLY A 187 8.14 7.77 -19.94
N ILE A 188 9.22 8.35 -20.47
CA ILE A 188 9.91 7.71 -21.59
C ILE A 188 10.57 6.41 -21.13
N SER A 189 11.23 6.41 -19.96
CA SER A 189 11.88 5.18 -19.54
C SER A 189 10.87 4.06 -19.32
N ASN A 190 9.68 4.40 -18.80
CA ASN A 190 8.62 3.41 -18.66
C ASN A 190 8.12 2.93 -20.02
N ILE A 191 7.99 3.84 -20.98
CA ILE A 191 7.57 3.43 -22.32
C ILE A 191 8.60 2.49 -22.92
N GLN A 192 9.88 2.85 -22.80
CA GLN A 192 10.94 2.04 -23.39
C GLN A 192 11.03 0.67 -22.74
N ALA A 193 10.76 0.57 -21.44
CA ALA A 193 10.84 -0.72 -20.79
C ALA A 193 9.58 -1.57 -20.96
N GLY A 194 8.48 -0.97 -21.40
CA GLY A 194 7.19 -1.61 -21.27
C GLY A 194 6.50 -2.06 -22.54
N TYR A 195 6.74 -1.42 -23.68
CA TYR A 195 5.83 -1.55 -24.81
C TYR A 195 6.55 -1.83 -26.14
N GLU A 196 6.08 -2.87 -26.85
CA GLU A 196 6.44 -3.12 -28.25
C GLU A 196 5.44 -2.33 -29.10
N ILE A 197 5.75 -1.07 -29.38
CA ILE A 197 4.73 -0.15 -29.88
C ILE A 197 4.20 -0.57 -31.26
N PRO A 198 5.03 -0.94 -32.23
CA PRO A 198 4.45 -1.33 -33.54
C PRO A 198 3.46 -2.47 -33.42
N GLU A 199 3.83 -3.54 -32.72
CA GLU A 199 2.97 -4.72 -32.64
C GLU A 199 1.75 -4.44 -31.76
N LEU A 200 1.96 -3.88 -30.58
CA LEU A 200 0.86 -3.50 -29.70
C LEU A 200 -0.17 -2.62 -30.42
N SER A 201 0.31 -1.65 -31.20
CA SER A 201 -0.61 -0.72 -31.86
C SER A 201 -1.47 -1.38 -32.92
N LYS A 202 -1.05 -2.52 -33.45
CA LYS A 202 -1.90 -3.24 -34.39
C LYS A 202 -3.13 -3.83 -33.71
N TYR A 203 -3.04 -4.21 -32.44
CA TYR A 203 -4.13 -4.96 -31.82
C TYR A 203 -5.02 -4.13 -30.91
N LEU A 204 -4.49 -3.07 -30.29
CA LEU A 204 -5.33 -2.19 -29.49
C LEU A 204 -6.26 -1.36 -30.37
N ASP A 205 -7.47 -1.11 -29.88
CA ASP A 205 -8.37 -0.21 -30.59
C ASP A 205 -8.01 1.25 -30.34
N PHE A 206 -7.68 1.59 -29.09
CA PHE A 206 -7.23 2.92 -28.74
C PHE A 206 -6.13 2.82 -27.69
N ILE A 207 -5.26 3.82 -27.71
CA ILE A 207 -4.10 3.92 -26.83
C ILE A 207 -4.27 5.21 -26.04
N HIS A 208 -4.54 5.08 -24.75
CA HIS A 208 -4.84 6.22 -23.88
C HIS A 208 -3.55 6.63 -23.20
N VAL A 209 -2.90 7.68 -23.71
CA VAL A 209 -1.58 8.07 -23.26
C VAL A 209 -1.72 8.98 -22.03
N MET A 210 -1.11 8.57 -20.93
CA MET A 210 -1.27 9.29 -19.66
C MET A 210 -0.27 10.46 -19.62
N THR A 211 -0.58 11.48 -20.42
CA THR A 211 0.22 12.69 -20.52
C THR A 211 -0.13 13.66 -19.38
N TYR A 212 0.09 13.18 -18.17
CA TYR A 212 -0.06 13.98 -16.95
C TYR A 212 0.83 13.37 -15.88
N ASP A 213 0.81 13.97 -14.68
CA ASP A 213 1.79 13.65 -13.62
C ASP A 213 3.22 13.78 -14.15
N LEU A 214 3.43 14.75 -15.03
CA LEU A 214 4.74 14.93 -15.66
C LEU A 214 5.72 15.67 -14.75
N HIS A 215 5.20 16.47 -13.82
CA HIS A 215 5.95 17.07 -12.73
C HIS A 215 5.10 16.94 -11.46
N GLY A 216 5.75 17.03 -10.31
CA GLY A 216 5.09 16.89 -9.03
C GLY A 216 6.10 17.01 -7.90
N SER A 217 5.58 17.00 -6.67
N SER A 217 5.57 17.00 -6.67
CA SER A 217 6.42 17.24 -5.51
CA SER A 217 6.42 17.24 -5.50
C SER A 217 7.57 16.24 -5.38
C SER A 217 7.57 16.24 -5.38
N TRP A 218 7.46 15.09 -6.04
CA TRP A 218 8.53 14.10 -5.98
C TRP A 218 9.85 14.64 -6.52
N GLU A 219 9.81 15.68 -7.36
N GLU A 219 9.80 15.68 -7.36
CA GLU A 219 11.04 16.18 -7.96
CA GLU A 219 11.01 16.20 -7.98
C GLU A 219 11.81 17.13 -7.06
C GLU A 219 11.80 17.11 -7.05
N GLY A 220 11.16 17.71 -6.06
CA GLY A 220 11.81 18.65 -5.17
C GLY A 220 11.75 20.09 -5.63
N TYR A 221 11.00 20.37 -6.69
CA TYR A 221 10.83 21.72 -7.21
C TYR A 221 9.52 21.77 -7.99
N THR A 222 9.02 22.99 -8.20
CA THR A 222 7.75 23.17 -8.86
C THR A 222 7.83 22.83 -10.35
N GLY A 223 6.70 22.37 -10.88
CA GLY A 223 6.57 22.08 -12.29
C GLY A 223 5.13 21.79 -12.62
N GLU A 224 4.83 21.77 -13.91
CA GLU A 224 3.46 21.67 -14.39
C GLU A 224 3.05 20.21 -14.55
N ASN A 225 1.78 19.95 -14.27
CA ASN A 225 1.25 18.59 -14.32
C ASN A 225 1.18 18.07 -15.75
N SER A 226 0.76 18.91 -16.70
CA SER A 226 0.55 18.50 -18.06
C SER A 226 0.89 19.63 -19.03
N PRO A 227 2.13 20.09 -19.03
CA PRO A 227 2.52 21.14 -19.96
C PRO A 227 2.48 20.62 -21.40
N LEU A 228 2.00 21.47 -22.30
CA LEU A 228 1.94 21.06 -23.71
C LEU A 228 3.34 21.01 -24.32
N TYR A 229 4.19 22.00 -24.04
CA TYR A 229 5.54 22.08 -24.56
C TYR A 229 6.57 22.10 -23.44
N LYS A 230 7.83 21.88 -23.78
CA LYS A 230 8.88 21.96 -22.77
C LYS A 230 9.07 23.41 -22.33
N TYR A 231 9.59 23.57 -21.12
CA TYR A 231 10.02 24.89 -20.65
C TYR A 231 11.29 25.27 -21.41
N PRO A 232 11.53 26.57 -21.66
CA PRO A 232 12.58 26.93 -22.64
C PRO A 232 13.98 26.48 -22.26
N THR A 233 14.29 26.32 -20.98
CA THR A 233 15.63 25.92 -20.55
C THR A 233 15.81 24.42 -20.39
N GLU A 234 14.75 23.63 -20.57
CA GLU A 234 14.84 22.19 -20.37
C GLU A 234 15.60 21.53 -21.51
N THR A 235 16.52 20.63 -21.16
CA THR A 235 17.32 19.87 -22.11
C THR A 235 17.26 18.39 -21.75
N GLY A 236 17.70 17.56 -22.69
CA GLY A 236 17.82 16.15 -22.39
C GLY A 236 16.53 15.54 -21.87
N SER A 237 16.65 14.71 -20.84
CA SER A 237 15.51 13.95 -20.33
C SER A 237 14.45 14.85 -19.70
N ASN A 238 14.84 16.02 -19.17
CA ASN A 238 13.83 16.95 -18.68
C ASN A 238 12.93 17.45 -19.81
N ALA A 239 13.43 17.43 -21.04
CA ALA A 239 12.67 17.89 -22.19
C ALA A 239 11.72 16.83 -22.74
N TYR A 240 11.70 15.62 -22.15
CA TYR A 240 10.64 14.65 -22.43
C TYR A 240 9.32 14.97 -21.74
N LEU A 241 9.33 15.82 -20.72
CA LEU A 241 8.21 15.94 -19.78
C LEU A 241 7.17 16.95 -20.28
N ASN A 242 6.68 16.72 -21.49
CA ASN A 242 5.60 17.52 -22.03
C ASN A 242 4.74 16.68 -22.98
N VAL A 243 3.51 17.15 -23.18
CA VAL A 243 2.54 16.42 -23.99
C VAL A 243 3.06 16.24 -25.40
N ASP A 244 3.59 17.31 -25.99
N ASP A 244 3.59 17.30 -26.00
CA ASP A 244 4.04 17.26 -27.38
CA ASP A 244 4.03 17.24 -27.39
C ASP A 244 5.07 16.15 -27.59
C ASP A 244 5.06 16.14 -27.59
N TYR A 245 6.08 16.08 -26.73
CA TYR A 245 7.11 15.05 -26.90
C TYR A 245 6.52 13.66 -26.73
N VAL A 246 5.72 13.46 -25.68
CA VAL A 246 5.23 12.12 -25.36
C VAL A 246 4.34 11.59 -26.48
N MET A 247 3.40 12.42 -26.95
CA MET A 247 2.50 11.95 -28.02
C MET A 247 3.26 11.66 -29.29
N ASN A 248 4.23 12.52 -29.64
CA ASN A 248 5.00 12.27 -30.85
C ASN A 248 5.94 11.09 -30.69
N TYR A 249 6.40 10.81 -29.46
CA TYR A 249 7.17 9.60 -29.25
C TYR A 249 6.35 8.38 -29.67
N TRP A 250 5.12 8.26 -29.14
CA TRP A 250 4.26 7.13 -29.50
C TRP A 250 4.02 7.10 -30.99
N LYS A 251 3.68 8.25 -31.58
CA LYS A 251 3.35 8.27 -33.00
C LYS A 251 4.53 7.81 -33.85
N ASN A 252 5.72 8.32 -33.55
CA ASN A 252 6.89 8.04 -34.38
C ASN A 252 7.57 6.72 -34.05
N ASN A 253 7.11 5.97 -33.05
CA ASN A 253 7.67 4.66 -32.77
C ASN A 253 6.68 3.53 -33.06
N GLY A 254 5.66 3.81 -33.87
CA GLY A 254 4.80 2.75 -34.37
C GLY A 254 3.30 2.93 -34.20
N ALA A 255 2.85 3.95 -33.43
CA ALA A 255 1.41 4.05 -33.17
C ALA A 255 0.75 4.98 -34.17
N PRO A 256 -0.30 4.54 -34.88
CA PRO A 256 -1.02 5.46 -35.76
C PRO A 256 -1.71 6.55 -34.96
N ALA A 257 -1.63 7.78 -35.49
CA ALA A 257 -2.15 8.92 -34.74
C ALA A 257 -3.63 8.76 -34.42
N GLU A 258 -4.40 8.13 -35.31
CA GLU A 258 -5.84 8.03 -35.13
C GLU A 258 -6.22 7.16 -33.94
N LYS A 259 -5.31 6.29 -33.49
CA LYS A 259 -5.53 5.43 -32.33
C LYS A 259 -5.03 6.06 -31.04
N LEU A 260 -4.31 7.18 -31.13
CA LEU A 260 -3.68 7.80 -29.97
C LEU A 260 -4.62 8.83 -29.37
N ILE A 261 -4.83 8.71 -28.07
CA ILE A 261 -5.72 9.57 -27.31
C ILE A 261 -4.88 10.33 -26.29
N VAL A 262 -5.03 11.65 -26.28
CA VAL A 262 -4.23 12.53 -25.42
C VAL A 262 -4.86 12.60 -24.03
N GLY A 263 -4.03 12.48 -23.00
CA GLY A 263 -4.52 12.54 -21.63
C GLY A 263 -4.64 13.95 -21.11
N PHE A 264 -5.79 14.24 -20.49
CA PHE A 264 -6.12 15.55 -19.94
C PHE A 264 -6.44 15.38 -18.46
N PRO A 265 -5.71 16.05 -17.56
CA PRO A 265 -6.03 15.93 -16.13
C PRO A 265 -6.99 17.00 -15.65
N GLU A 266 -8.07 16.62 -14.96
CA GLU A 266 -8.99 17.57 -14.34
C GLU A 266 -8.64 17.81 -12.87
N TYR A 267 -7.35 17.75 -12.57
CA TYR A 267 -6.77 17.97 -11.26
C TYR A 267 -5.43 18.66 -11.47
N GLY A 268 -4.84 19.13 -10.38
CA GLY A 268 -3.52 19.73 -10.43
C GLY A 268 -2.69 19.20 -9.27
N HIS A 269 -1.38 19.41 -9.37
CA HIS A 269 -0.46 18.99 -8.33
C HIS A 269 -0.06 20.19 -7.46
N THR A 270 0.07 19.92 -6.16
CA THR A 270 0.39 20.93 -5.16
C THR A 270 1.79 20.73 -4.59
N PHE A 271 2.38 21.85 -4.17
CA PHE A 271 3.74 21.91 -3.68
C PHE A 271 3.79 22.91 -2.53
N ILE A 272 4.72 22.69 -1.61
CA ILE A 272 5.06 23.69 -0.59
C ILE A 272 6.39 24.33 -0.99
N LEU A 273 6.37 25.64 -1.20
CA LEU A 273 7.60 26.35 -1.55
C LEU A 273 8.52 26.43 -0.34
N ARG A 274 9.83 26.26 -0.59
N ARG A 274 9.83 26.27 -0.58
CA ARG A 274 10.81 26.46 0.47
CA ARG A 274 10.78 26.47 0.51
C ARG A 274 10.88 27.94 0.86
C ARG A 274 10.88 27.95 0.88
N ASN A 275 10.68 28.84 -0.08
CA ASN A 275 10.65 30.28 0.16
C ASN A 275 9.56 30.91 -0.69
N PRO A 276 8.54 31.53 -0.09
CA PRO A 276 7.42 32.03 -0.90
C PRO A 276 7.81 33.06 -1.96
N SER A 277 8.96 33.72 -1.83
CA SER A 277 9.41 34.66 -2.84
C SER A 277 10.04 33.99 -4.06
N ASP A 278 10.35 32.70 -3.97
CA ASP A 278 10.82 31.89 -5.10
C ASP A 278 9.62 31.08 -5.55
N ASN A 279 8.89 31.56 -6.57
CA ASN A 279 7.59 30.99 -6.88
C ASN A 279 7.37 30.78 -8.37
N GLY A 280 8.45 30.76 -9.17
CA GLY A 280 8.36 30.44 -10.57
C GLY A 280 8.44 28.95 -10.83
N ILE A 281 8.49 28.61 -12.12
CA ILE A 281 8.71 27.23 -12.55
C ILE A 281 10.11 26.80 -12.12
N GLY A 282 10.19 25.65 -11.44
CA GLY A 282 11.48 25.15 -10.97
C GLY A 282 11.87 25.59 -9.58
N ALA A 283 11.05 26.39 -8.90
CA ALA A 283 11.36 26.85 -7.56
C ALA A 283 11.46 25.67 -6.60
N PRO A 284 12.42 25.70 -5.66
CA PRO A 284 12.58 24.55 -4.74
C PRO A 284 11.37 24.36 -3.83
N THR A 285 11.06 23.10 -3.53
CA THR A 285 9.91 22.74 -2.72
C THR A 285 10.36 21.72 -1.68
N SER A 286 9.45 21.43 -0.73
CA SER A 286 9.71 20.48 0.35
C SER A 286 8.47 19.66 0.64
N GLY A 287 8.66 18.38 0.97
CA GLY A 287 7.53 17.56 1.37
C GLY A 287 6.62 17.20 0.19
N ASP A 288 5.47 16.60 0.54
CA ASP A 288 4.58 16.02 -0.47
C ASP A 288 3.51 16.97 -0.99
N GLY A 289 3.32 18.13 -0.36
CA GLY A 289 2.36 19.08 -0.84
C GLY A 289 1.02 18.94 -0.16
N PRO A 290 0.29 20.03 -0.03
CA PRO A 290 -0.95 20.02 0.77
C PRO A 290 -2.08 19.21 0.15
N ALA A 291 -2.94 18.68 1.03
CA ALA A 291 -4.13 17.92 0.66
C ALA A 291 -5.36 18.82 0.66
N GLY A 292 -6.35 18.47 -0.16
CA GLY A 292 -7.61 19.20 -0.19
C GLY A 292 -8.66 18.55 0.69
N PRO A 293 -9.69 19.31 1.08
CA PRO A 293 -10.68 18.77 2.04
C PRO A 293 -11.60 17.68 1.48
N TYR A 294 -11.73 17.56 0.16
CA TYR A 294 -12.59 16.53 -0.45
C TYR A 294 -11.77 15.33 -0.92
N THR A 295 -10.65 15.55 -1.59
CA THR A 295 -9.85 14.45 -2.11
C THR A 295 -8.88 13.89 -1.08
N ARG A 296 -8.48 14.72 -0.11
CA ARG A 296 -7.79 14.28 1.11
C ARG A 296 -6.55 13.45 0.80
N GLN A 297 -5.77 13.92 -0.16
CA GLN A 297 -4.53 13.25 -0.58
C GLN A 297 -3.45 14.30 -0.81
N ALA A 298 -2.37 14.21 -0.04
CA ALA A 298 -1.25 15.13 -0.22
C ALA A 298 -0.80 15.17 -1.67
N GLY A 299 -0.67 16.37 -2.20
CA GLY A 299 -0.04 16.55 -3.48
C GLY A 299 -0.98 16.78 -4.66
N PHE A 300 -2.29 16.67 -4.48
N PHE A 300 -2.29 16.66 -4.49
CA PHE A 300 -3.18 16.98 -5.60
CA PHE A 300 -3.18 16.98 -5.60
C PHE A 300 -4.52 17.51 -5.12
C PHE A 300 -4.52 17.51 -5.12
N TRP A 301 -5.11 18.34 -5.98
CA TRP A 301 -6.41 18.95 -5.76
C TRP A 301 -7.27 18.73 -7.00
N ALA A 302 -8.53 18.38 -6.78
CA ALA A 302 -9.50 18.38 -7.86
C ALA A 302 -9.69 19.78 -8.41
N TYR A 303 -10.22 19.86 -9.64
CA TYR A 303 -10.44 21.17 -10.23
C TYR A 303 -11.38 22.01 -9.34
N TYR A 304 -12.44 21.39 -8.80
CA TYR A 304 -13.32 22.18 -7.94
C TYR A 304 -12.61 22.66 -6.69
N GLU A 305 -11.63 21.90 -6.18
CA GLU A 305 -10.83 22.38 -5.06
C GLU A 305 -9.89 23.51 -5.49
N ILE A 306 -9.32 23.40 -6.69
CA ILE A 306 -8.50 24.47 -7.25
C ILE A 306 -9.27 25.78 -7.28
N CYS A 307 -10.54 25.72 -7.69
CA CYS A 307 -11.33 26.94 -7.79
C CYS A 307 -11.43 27.65 -6.44
N THR A 308 -11.55 26.89 -5.35
CA THR A 308 -11.63 27.53 -4.04
C THR A 308 -10.32 28.24 -3.70
N PHE A 309 -9.18 27.65 -4.07
CA PHE A 309 -7.88 28.30 -3.91
C PHE A 309 -7.81 29.60 -4.71
N LEU A 310 -8.20 29.56 -5.99
CA LEU A 310 -8.07 30.74 -6.83
C LEU A 310 -8.96 31.88 -6.36
N ARG A 311 -10.23 31.55 -6.02
CA ARG A 311 -11.18 32.55 -5.55
C ARG A 311 -10.74 33.24 -4.26
N SER A 312 -9.91 32.56 -3.46
CA SER A 312 -9.46 33.07 -2.18
C SER A 312 -8.28 34.03 -2.29
N GLY A 313 -7.83 34.32 -3.50
CA GLY A 313 -6.84 35.34 -3.71
C GLY A 313 -5.47 34.84 -4.11
N ALA A 314 -5.36 33.61 -4.62
CA ALA A 314 -4.07 33.14 -5.11
C ALA A 314 -3.64 33.97 -6.31
N THR A 315 -2.33 34.15 -6.45
CA THR A 315 -1.78 34.77 -7.64
C THR A 315 -1.78 33.76 -8.77
N GLU A 316 -2.33 34.14 -9.92
N GLU A 316 -2.31 34.14 -9.92
CA GLU A 316 -2.43 33.27 -11.08
CA GLU A 316 -2.43 33.25 -11.07
C GLU A 316 -1.41 33.71 -12.12
C GLU A 316 -1.46 33.70 -12.15
N VAL A 317 -0.70 32.75 -12.70
CA VAL A 317 0.29 33.03 -13.73
C VAL A 317 0.03 32.12 -14.93
N TRP A 318 0.18 32.68 -16.12
CA TRP A 318 0.12 31.91 -17.36
C TRP A 318 1.55 31.58 -17.77
N ASP A 319 1.88 30.31 -17.76
CA ASP A 319 3.17 29.78 -18.20
C ASP A 319 3.07 29.76 -19.72
N ALA A 320 3.51 30.85 -20.36
CA ALA A 320 3.19 31.07 -21.77
C ALA A 320 3.90 30.05 -22.66
N SER A 321 5.12 29.67 -22.29
CA SER A 321 5.86 28.72 -23.12
C SER A 321 5.22 27.34 -23.13
N GLN A 322 4.57 26.94 -22.02
CA GLN A 322 4.02 25.60 -21.90
C GLN A 322 2.50 25.56 -22.02
N GLU A 323 1.85 26.72 -22.08
CA GLU A 323 0.42 26.84 -22.39
C GLU A 323 -0.45 26.26 -21.28
N VAL A 324 -0.03 26.50 -20.04
CA VAL A 324 -0.77 26.04 -18.86
C VAL A 324 -0.65 27.07 -17.76
N PRO A 325 -1.60 27.11 -16.85
CA PRO A 325 -1.55 28.04 -15.71
C PRO A 325 -0.83 27.44 -14.51
N TYR A 326 -0.31 28.32 -13.68
CA TYR A 326 0.03 27.95 -12.32
C TYR A 326 -0.43 29.07 -11.40
N ALA A 327 -0.45 28.76 -10.11
CA ALA A 327 -0.93 29.72 -9.13
C ALA A 327 -0.26 29.46 -7.79
N TYR A 328 -0.11 30.51 -6.99
CA TYR A 328 0.46 30.34 -5.67
C TYR A 328 -0.12 31.34 -4.71
N LYS A 329 0.00 31.00 -3.43
CA LYS A 329 -0.49 31.81 -2.33
C LYS A 329 0.36 31.46 -1.12
N ALA A 330 1.02 32.46 -0.53
CA ALA A 330 1.96 32.18 0.55
C ALA A 330 2.96 31.14 0.07
N ASN A 331 3.11 30.01 0.79
CA ASN A 331 4.07 28.99 0.37
C ASN A 331 3.42 27.81 -0.37
N GLU A 332 2.18 27.96 -0.82
CA GLU A 332 1.48 26.91 -1.56
C GLU A 332 1.52 27.22 -3.05
N TRP A 333 1.94 26.25 -3.86
CA TRP A 333 2.10 26.41 -5.30
C TRP A 333 1.36 25.30 -6.01
N LEU A 334 0.68 25.63 -7.10
CA LEU A 334 -0.20 24.72 -7.80
C LEU A 334 0.11 24.72 -9.29
N GLY A 335 0.38 23.54 -9.86
CA GLY A 335 0.46 23.37 -11.31
C GLY A 335 -0.77 22.63 -11.79
N TYR A 336 -1.47 23.22 -12.76
CA TYR A 336 -2.80 22.71 -13.08
C TYR A 336 -3.21 23.09 -14.50
N ASP A 337 -4.48 22.79 -14.82
CA ASP A 337 -5.09 23.03 -16.12
C ASP A 337 -6.43 23.72 -15.92
N ASN A 338 -6.78 24.61 -16.85
CA ASN A 338 -8.03 25.33 -16.77
C ASN A 338 -8.68 25.33 -18.15
N ILE A 339 -9.74 26.14 -18.30
CA ILE A 339 -10.45 26.18 -19.57
C ILE A 339 -9.52 26.56 -20.71
N LYS A 340 -8.63 27.53 -20.48
CA LYS A 340 -7.77 28.00 -21.57
C LYS A 340 -6.76 26.92 -21.97
N SER A 341 -6.15 26.24 -21.00
CA SER A 341 -5.14 25.24 -21.34
C SER A 341 -5.79 24.03 -22.02
N PHE A 342 -6.96 23.62 -21.56
CA PHE A 342 -7.68 22.55 -22.24
C PHE A 342 -7.98 22.96 -23.68
N SER A 343 -8.37 24.23 -23.89
CA SER A 343 -8.68 24.68 -25.24
C SER A 343 -7.46 24.66 -26.14
N VAL A 344 -6.31 25.12 -25.62
CA VAL A 344 -5.08 25.11 -26.40
C VAL A 344 -4.71 23.69 -26.78
N LYS A 345 -4.77 22.75 -25.83
CA LYS A 345 -4.30 21.40 -26.10
C LYS A 345 -5.28 20.64 -26.98
N ALA A 346 -6.57 20.98 -26.89
CA ALA A 346 -7.55 20.37 -27.78
C ALA A 346 -7.29 20.79 -29.22
N GLN A 347 -7.05 22.09 -29.45
CA GLN A 347 -6.72 22.53 -30.80
C GLN A 347 -5.43 21.87 -31.27
N TRP A 348 -4.45 21.74 -30.38
CA TRP A 348 -3.20 21.09 -30.75
C TRP A 348 -3.43 19.64 -31.16
N LEU A 349 -4.21 18.88 -30.38
CA LEU A 349 -4.36 17.46 -30.72
C LEU A 349 -5.11 17.30 -32.03
N LYS A 350 -6.09 18.18 -32.28
CA LYS A 350 -6.84 18.12 -33.53
C LYS A 350 -5.94 18.42 -34.72
N GLN A 351 -5.12 19.47 -34.62
CA GLN A 351 -4.23 19.84 -35.71
C GLN A 351 -3.12 18.81 -35.91
N ASN A 352 -2.89 17.93 -34.94
CA ASN A 352 -1.90 16.87 -35.08
C ASN A 352 -2.55 15.52 -35.40
N ASN A 353 -3.85 15.51 -35.71
CA ASN A 353 -4.54 14.35 -36.25
C ASN A 353 -4.66 13.20 -35.25
N PHE A 354 -4.68 13.50 -33.96
CA PHE A 354 -4.89 12.45 -32.96
C PHE A 354 -6.37 12.08 -32.88
N GLY A 355 -6.63 10.95 -32.25
CA GLY A 355 -7.96 10.40 -32.25
C GLY A 355 -8.91 11.06 -31.28
N GLY A 356 -8.40 11.83 -30.34
CA GLY A 356 -9.24 12.52 -29.38
C GLY A 356 -8.50 12.71 -28.06
N ALA A 357 -9.31 12.83 -27.00
CA ALA A 357 -8.83 13.13 -25.66
C ALA A 357 -9.44 12.15 -24.67
N MET A 358 -8.73 11.90 -23.58
CA MET A 358 -9.30 11.23 -22.42
C MET A 358 -9.06 12.10 -21.19
N ILE A 359 -9.96 12.01 -20.22
CA ILE A 359 -9.86 12.85 -19.04
C ILE A 359 -9.77 11.97 -17.81
N TRP A 360 -8.80 12.27 -16.94
CA TRP A 360 -8.72 11.73 -15.59
C TRP A 360 -9.01 12.87 -14.61
N ALA A 361 -10.19 12.87 -13.99
CA ALA A 361 -11.33 11.98 -14.11
C ALA A 361 -12.56 12.89 -13.94
N ILE A 362 -13.70 12.48 -14.51
CA ILE A 362 -14.86 13.36 -14.57
C ILE A 362 -15.38 13.73 -13.19
N ASP A 363 -15.15 12.88 -12.19
CA ASP A 363 -15.56 13.25 -10.84
C ASP A 363 -14.66 14.31 -10.22
N LEU A 364 -13.62 14.76 -10.92
CA LEU A 364 -12.75 15.83 -10.42
C LEU A 364 -13.09 17.19 -11.03
N ASP A 365 -13.91 17.22 -12.08
CA ASP A 365 -14.48 18.44 -12.62
C ASP A 365 -15.43 19.07 -11.59
N ASP A 366 -15.78 20.34 -11.84
CA ASP A 366 -16.83 20.98 -11.05
C ASP A 366 -18.19 20.51 -11.58
N PHE A 367 -18.54 19.27 -11.22
CA PHE A 367 -19.72 18.64 -11.80
C PHE A 367 -21.02 19.29 -11.32
N THR A 368 -21.05 19.84 -10.10
CA THR A 368 -22.24 20.55 -9.63
C THR A 368 -22.30 21.99 -10.14
N GLY A 369 -21.19 22.53 -10.64
CA GLY A 369 -21.11 23.92 -11.04
C GLY A 369 -21.06 24.92 -9.89
N SER A 370 -20.99 24.47 -8.65
CA SER A 370 -21.12 25.37 -7.51
C SER A 370 -19.78 25.74 -6.87
N PHE A 371 -18.65 25.36 -7.46
CA PHE A 371 -17.36 25.76 -6.94
C PHE A 371 -16.64 26.79 -7.79
N CYS A 372 -16.81 26.74 -9.10
CA CYS A 372 -16.02 27.55 -10.01
C CYS A 372 -16.81 28.64 -10.71
N ASP A 373 -18.14 28.65 -10.59
CA ASP A 373 -18.97 29.64 -11.27
C ASP A 373 -18.67 29.65 -12.77
N GLN A 374 -18.42 28.47 -13.34
CA GLN A 374 -18.19 28.32 -14.77
C GLN A 374 -19.19 27.37 -15.41
N GLY A 375 -20.29 27.07 -14.72
CA GLY A 375 -21.25 26.11 -15.22
C GLY A 375 -20.88 24.68 -14.84
N LYS A 376 -21.75 23.76 -15.22
CA LYS A 376 -21.54 22.35 -14.88
C LYS A 376 -20.47 21.74 -15.78
N PHE A 377 -19.61 20.92 -15.18
CA PHE A 377 -18.53 20.25 -15.89
C PHE A 377 -17.75 21.21 -16.79
N PRO A 378 -17.17 22.27 -16.24
CA PRO A 378 -16.53 23.29 -17.10
C PRO A 378 -15.36 22.75 -17.93
N LEU A 379 -14.51 21.90 -17.36
CA LEU A 379 -13.39 21.38 -18.14
C LEU A 379 -13.85 20.34 -19.15
N THR A 380 -14.75 19.45 -18.75
CA THR A 380 -15.23 18.43 -19.66
C THR A 380 -16.04 19.07 -20.79
N SER A 381 -16.85 20.09 -20.48
CA SER A 381 -17.62 20.77 -21.51
C SER A 381 -16.71 21.46 -22.53
N THR A 382 -15.58 22.00 -22.06
CA THR A 382 -14.64 22.62 -22.98
C THR A 382 -14.17 21.64 -24.05
N LEU A 383 -13.85 20.39 -23.66
CA LEU A 383 -13.40 19.42 -24.64
C LEU A 383 -14.54 18.93 -25.52
N ASN A 384 -15.72 18.75 -24.93
CA ASN A 384 -16.91 18.40 -25.70
C ASN A 384 -17.13 19.38 -26.84
N LYS A 385 -17.01 20.68 -26.55
CA LYS A 385 -17.21 21.69 -27.59
C LYS A 385 -16.05 21.70 -28.58
N ALA A 386 -14.81 21.64 -28.08
CA ALA A 386 -13.67 21.74 -28.99
C ALA A 386 -13.57 20.54 -29.92
N LEU A 387 -13.99 19.36 -29.47
CA LEU A 387 -13.86 18.14 -30.25
C LEU A 387 -15.11 17.80 -31.05
N GLY A 388 -16.12 18.69 -31.06
CA GLY A 388 -17.32 18.45 -31.85
C GLY A 388 -18.13 17.26 -31.41
N ILE A 389 -18.17 16.97 -30.10
CA ILE A 389 -18.81 15.77 -29.61
C ILE A 389 -20.33 15.88 -29.70
N SER A 390 -20.87 17.06 -29.35
CA SER A 390 -22.31 17.27 -29.39
C SER A 390 -22.70 18.11 -30.62
N TYR B 22 -10.90 -8.52 10.32
CA TYR B 22 -9.72 -8.67 11.15
C TYR B 22 -8.52 -7.95 10.54
N ASN B 23 -7.52 -7.67 11.36
CA ASN B 23 -6.26 -7.08 10.93
C ASN B 23 -5.14 -8.13 10.94
N LEU B 24 -4.21 -7.98 10.01
CA LEU B 24 -3.02 -8.82 9.97
C LEU B 24 -1.82 -7.89 9.89
N ILE B 25 -1.11 -7.77 11.00
CA ILE B 25 -0.05 -6.78 11.18
C ILE B 25 1.28 -7.50 11.08
N CYS B 26 2.15 -7.04 10.18
CA CYS B 26 3.38 -7.77 9.83
C CYS B 26 4.60 -6.89 10.08
N TYR B 27 5.50 -7.37 10.94
CA TYR B 27 6.74 -6.66 11.22
C TYR B 27 7.77 -7.02 10.16
N PHE B 28 8.47 -5.99 9.67
CA PHE B 28 9.65 -6.12 8.82
C PHE B 28 10.84 -5.55 9.59
N THR B 29 11.99 -6.22 9.53
CA THR B 29 13.18 -5.78 10.27
C THR B 29 14.26 -5.29 9.30
N ASN B 30 14.85 -4.14 9.64
CA ASN B 30 15.82 -3.49 8.76
C ASN B 30 17.23 -4.06 8.88
N TRP B 31 17.41 -5.17 9.60
CA TRP B 31 18.67 -5.89 9.59
C TRP B 31 18.59 -7.22 8.84
N ALA B 32 17.40 -7.61 8.37
CA ALA B 32 17.31 -8.82 7.57
C ALA B 32 18.08 -8.70 6.27
N GLN B 33 18.32 -7.47 5.81
CA GLN B 33 19.03 -7.26 4.55
C GLN B 33 20.44 -7.85 4.59
N TYR B 34 21.02 -7.96 5.79
CA TYR B 34 22.41 -8.38 5.91
C TYR B 34 22.58 -9.90 5.95
N ARG B 35 21.49 -10.66 5.96
CA ARG B 35 21.60 -12.11 5.95
C ARG B 35 22.13 -12.59 4.60
N PRO B 36 22.89 -13.69 4.61
CA PRO B 36 23.53 -14.14 3.36
C PRO B 36 22.57 -14.79 2.37
N GLY B 37 22.98 -14.73 1.10
CA GLY B 37 22.27 -15.40 0.03
C GLY B 37 20.76 -15.26 0.09
N LEU B 38 20.08 -16.39 0.15
CA LEU B 38 18.62 -16.40 0.09
C LEU B 38 17.96 -15.77 1.31
N GLY B 39 18.70 -15.56 2.41
CA GLY B 39 18.13 -14.94 3.59
C GLY B 39 17.96 -13.44 3.50
N SER B 40 18.68 -12.80 2.59
CA SER B 40 18.65 -11.34 2.51
C SER B 40 17.24 -10.90 2.16
N PHE B 41 16.67 -10.00 2.96
CA PHE B 41 15.29 -9.60 2.82
C PHE B 41 15.19 -8.08 2.89
N LYS B 42 14.55 -7.49 1.89
CA LYS B 42 14.30 -6.06 1.79
C LYS B 42 12.84 -5.83 1.46
N PRO B 43 12.36 -4.58 1.55
CA PRO B 43 10.91 -4.36 1.45
C PRO B 43 10.30 -4.86 0.15
N ASP B 44 11.07 -4.79 -0.94
CA ASP B 44 10.61 -5.28 -2.23
C ASP B 44 10.34 -6.79 -2.24
N ASP B 45 10.82 -7.52 -1.24
CA ASP B 45 10.48 -8.93 -1.11
C ASP B 45 9.12 -9.17 -0.46
N ILE B 46 8.46 -8.12 0.03
CA ILE B 46 7.15 -8.28 0.66
C ILE B 46 6.07 -8.34 -0.41
N ASN B 47 5.21 -9.35 -0.29
CA ASN B 47 3.96 -9.38 -1.02
C ASN B 47 3.01 -8.34 -0.43
N PRO B 48 2.65 -7.29 -1.17
CA PRO B 48 1.88 -6.19 -0.53
C PRO B 48 0.45 -6.56 -0.19
N CYS B 49 -0.06 -7.70 -0.67
CA CYS B 49 -1.43 -8.07 -0.44
C CYS B 49 -1.62 -8.99 0.77
N LEU B 50 -0.54 -9.47 1.39
CA LEU B 50 -0.71 -10.46 2.46
C LEU B 50 -1.29 -9.83 3.72
N CYS B 51 -0.81 -8.64 4.10
CA CYS B 51 -1.13 -8.03 5.37
C CYS B 51 -2.02 -6.80 5.20
N THR B 52 -2.63 -6.37 6.31
CA THR B 52 -3.37 -5.11 6.36
C THR B 52 -2.49 -3.94 6.81
N HIS B 53 -1.50 -4.23 7.65
CA HIS B 53 -0.57 -3.23 8.16
C HIS B 53 0.85 -3.81 8.13
N LEU B 54 1.80 -3.02 7.67
CA LEU B 54 3.23 -3.34 7.78
C LEU B 54 3.91 -2.42 8.78
N ILE B 55 4.76 -2.98 9.62
CA ILE B 55 5.44 -2.21 10.65
C ILE B 55 6.94 -2.36 10.47
N TYR B 56 7.64 -1.23 10.41
CA TYR B 56 9.07 -1.16 10.13
C TYR B 56 9.82 -1.11 11.46
N ALA B 57 10.57 -2.16 11.75
CA ALA B 57 11.41 -2.25 12.95
C ALA B 57 12.87 -2.08 12.54
N PHE B 58 13.57 -1.11 13.14
CA PHE B 58 13.17 -0.13 14.14
C PHE B 58 13.76 1.23 13.81
N ALA B 59 13.13 2.28 14.28
CA ALA B 59 13.75 3.58 14.41
C ALA B 59 14.44 3.68 15.76
N GLY B 60 15.33 4.67 15.89
CA GLY B 60 16.00 4.97 17.12
C GLY B 60 15.60 6.32 17.69
N MET B 61 16.42 6.81 18.62
CA MET B 61 16.14 8.07 19.28
C MET B 61 17.44 8.78 19.60
N GLN B 62 17.45 10.09 19.40
CA GLN B 62 18.61 10.91 19.74
C GLN B 62 18.11 12.28 20.14
N ASN B 63 18.53 12.72 21.33
CA ASN B 63 18.08 13.99 21.91
C ASN B 63 16.56 14.09 21.91
N ASN B 64 15.91 12.98 22.27
CA ASN B 64 14.47 12.86 22.43
C ASN B 64 13.70 13.04 21.12
N GLU B 65 14.36 12.80 19.99
CA GLU B 65 13.73 12.83 18.67
C GLU B 65 13.93 11.50 17.97
N ILE B 66 12.95 11.10 17.17
CA ILE B 66 13.07 9.85 16.42
C ILE B 66 14.12 10.03 15.33
N THR B 67 14.89 8.97 15.08
CA THR B 67 15.94 9.01 14.06
C THR B 67 16.05 7.65 13.36
N THR B 68 16.81 7.64 12.27
CA THR B 68 17.16 6.40 11.58
C THR B 68 18.23 5.66 12.39
N ILE B 69 18.49 4.40 12.00
CA ILE B 69 19.55 3.64 12.65
C ILE B 69 20.48 2.98 11.62
N GLU B 70 19.96 2.58 10.48
CA GLU B 70 20.78 1.98 9.44
C GLU B 70 21.18 2.99 8.36
N TRP B 71 22.37 2.74 7.77
CA TRP B 71 22.91 3.63 6.74
C TRP B 71 21.94 3.86 5.58
N ASN B 72 21.16 2.84 5.22
CA ASN B 72 20.25 2.95 4.08
C ASN B 72 18.77 3.00 4.50
N ASP B 73 18.46 3.39 5.74
CA ASP B 73 17.07 3.43 6.17
C ASP B 73 16.22 4.30 5.24
N VAL B 74 16.78 5.42 4.76
CA VAL B 74 15.97 6.32 3.91
C VAL B 74 15.54 5.60 2.64
N THR B 75 16.47 4.83 2.04
CA THR B 75 16.17 4.00 0.88
C THR B 75 15.09 2.97 1.19
N LEU B 76 15.25 2.29 2.32
CA LEU B 76 14.31 1.24 2.68
C LEU B 76 12.95 1.80 3.08
N TYR B 77 12.91 2.98 3.71
CA TYR B 77 11.62 3.62 4.00
C TYR B 77 10.83 3.85 2.72
N LYS B 78 11.52 4.36 1.70
CA LYS B 78 10.85 4.65 0.43
C LYS B 78 10.31 3.39 -0.19
N ALA B 79 11.12 2.32 -0.19
CA ALA B 79 10.68 1.05 -0.77
C ALA B 79 9.55 0.45 0.05
N PHE B 80 9.66 0.55 1.37
CA PHE B 80 8.62 0.04 2.27
C PHE B 80 7.30 0.76 2.03
N ASN B 81 7.30 2.08 2.06
CA ASN B 81 6.05 2.80 1.92
C ASN B 81 5.54 2.84 0.48
N ASP B 82 6.40 2.57 -0.50
CA ASP B 82 5.91 2.36 -1.86
C ASP B 82 5.09 1.08 -1.99
N LEU B 83 5.17 0.17 -1.03
CA LEU B 83 4.28 -0.98 -1.05
C LEU B 83 2.82 -0.54 -1.02
N LYS B 84 2.55 0.62 -0.42
CA LYS B 84 1.19 1.12 -0.39
C LYS B 84 0.69 1.54 -1.77
N ASN B 85 1.60 1.75 -2.73
CA ASN B 85 1.24 1.98 -4.12
C ASN B 85 0.92 0.69 -4.86
N ARG B 86 0.94 -0.46 -4.18
CA ARG B 86 0.58 -1.75 -4.76
C ARG B 86 -0.55 -2.41 -3.99
N ASN B 87 -1.08 -1.76 -2.96
CA ASN B 87 -2.27 -2.25 -2.26
C ASN B 87 -2.90 -1.05 -1.58
N SER B 88 -4.02 -0.57 -2.12
CA SER B 88 -4.63 0.67 -1.67
C SER B 88 -5.19 0.58 -0.26
N LYS B 89 -5.36 -0.62 0.28
CA LYS B 89 -5.83 -0.77 1.64
C LYS B 89 -4.71 -0.77 2.67
N LEU B 90 -3.48 -1.00 2.25
CA LEU B 90 -2.36 -1.20 3.16
C LEU B 90 -1.99 0.07 3.91
N LYS B 91 -1.67 -0.10 5.20
CA LYS B 91 -1.13 0.97 6.02
C LYS B 91 0.24 0.56 6.52
N THR B 92 1.12 1.55 6.73
CA THR B 92 2.43 1.27 7.28
C THR B 92 2.64 2.04 8.58
N LEU B 93 3.44 1.45 9.46
CA LEU B 93 3.80 2.10 10.70
C LEU B 93 5.30 1.92 10.92
N LEU B 94 5.86 2.84 11.68
CA LEU B 94 7.26 2.80 12.07
C LEU B 94 7.35 2.49 13.55
N ALA B 95 8.07 1.43 13.88
CA ALA B 95 8.27 1.04 15.27
C ALA B 95 9.56 1.62 15.81
N ILE B 96 9.50 2.06 17.06
CA ILE B 96 10.65 2.60 17.76
C ILE B 96 10.89 1.73 19.00
N GLY B 97 12.16 1.41 19.23
CA GLY B 97 12.56 0.64 20.38
C GLY B 97 13.02 -0.75 20.03
N GLY B 98 12.36 -1.74 20.62
CA GLY B 98 12.77 -3.13 20.49
C GLY B 98 13.57 -3.59 21.69
N TRP B 99 13.83 -4.90 21.71
CA TRP B 99 14.54 -5.51 22.82
C TRP B 99 15.90 -4.85 23.06
N ASN B 100 16.72 -4.76 22.02
CA ASN B 100 18.09 -4.29 22.19
C ASN B 100 18.19 -2.81 22.49
N PHE B 101 17.15 -2.03 22.17
CA PHE B 101 17.14 -0.61 22.48
C PHE B 101 17.17 -0.34 23.98
N GLY B 102 16.64 -1.24 24.81
CA GLY B 102 16.63 -1.00 26.25
C GLY B 102 15.56 0.02 26.63
N THR B 103 15.78 0.68 27.77
CA THR B 103 14.77 1.57 28.32
C THR B 103 15.24 3.00 28.58
N ALA B 104 16.53 3.26 28.70
CA ALA B 104 17.00 4.56 29.15
C ALA B 104 16.53 5.73 28.27
N PRO B 105 16.52 5.63 26.94
CA PRO B 105 16.03 6.76 26.14
C PRO B 105 14.55 7.03 26.34
N PHE B 106 13.75 5.99 26.58
CA PHE B 106 12.33 6.18 26.82
C PHE B 106 12.08 6.84 28.17
N THR B 107 12.82 6.40 29.19
CA THR B 107 12.70 6.98 30.52
C THR B 107 12.99 8.47 30.50
N THR B 108 14.08 8.86 29.85
CA THR B 108 14.42 10.28 29.76
C THR B 108 13.38 11.05 28.94
N MET B 109 12.87 10.43 27.88
CA MET B 109 11.96 11.13 26.96
C MET B 109 10.58 11.37 27.58
N VAL B 110 10.06 10.43 28.40
CA VAL B 110 8.75 10.63 29.00
C VAL B 110 8.83 11.35 30.34
N SER B 111 10.04 11.65 30.82
CA SER B 111 10.19 12.18 32.17
C SER B 111 9.59 13.57 32.30
N THR B 112 9.52 14.33 31.22
CA THR B 112 9.01 15.69 31.26
C THR B 112 8.07 15.94 30.08
N SER B 113 7.12 16.85 30.28
CA SER B 113 6.23 17.24 29.19
C SER B 113 7.02 17.82 28.01
N GLN B 114 8.13 18.54 28.30
CA GLN B 114 8.92 19.14 27.22
C GLN B 114 9.60 18.07 26.35
N ASN B 115 10.15 17.04 26.99
CA ASN B 115 10.77 15.96 26.21
C ASN B 115 9.72 15.17 25.44
N ARG B 116 8.55 14.99 26.05
CA ARG B 116 7.49 14.27 25.33
C ARG B 116 7.05 15.06 24.11
N GLN B 117 6.93 16.38 24.24
CA GLN B 117 6.54 17.21 23.11
C GLN B 117 7.61 17.20 22.02
N THR B 118 8.88 17.29 22.41
CA THR B 118 9.97 17.19 21.44
C THR B 118 9.85 15.92 20.62
N PHE B 119 9.64 14.80 21.32
CA PHE B 119 9.51 13.52 20.65
C PHE B 119 8.29 13.49 19.73
N ILE B 120 7.13 13.87 20.27
CA ILE B 120 5.88 13.78 19.49
C ILE B 120 5.97 14.66 18.26
N THR B 121 6.50 15.87 18.40
CA THR B 121 6.68 16.75 17.24
C THR B 121 7.63 16.12 16.23
N SER B 122 8.75 15.54 16.70
CA SER B 122 9.68 14.92 15.77
C SER B 122 9.02 13.74 15.05
N VAL B 123 8.12 13.03 15.73
CA VAL B 123 7.50 11.85 15.11
C VAL B 123 6.55 12.26 13.99
N ILE B 124 5.72 13.28 14.23
CA ILE B 124 4.81 13.74 13.19
C ILE B 124 5.59 14.14 11.95
N LYS B 125 6.67 14.91 12.13
CA LYS B 125 7.46 15.37 10.99
C LYS B 125 8.13 14.21 10.28
N PHE B 126 8.67 13.26 11.05
CA PHE B 126 9.36 12.10 10.48
C PHE B 126 8.40 11.22 9.71
N LEU B 127 7.25 10.89 10.30
CA LEU B 127 6.32 9.99 9.62
C LEU B 127 5.78 10.63 8.33
N ARG B 128 5.46 11.92 8.36
CA ARG B 128 4.92 12.54 7.15
C ARG B 128 5.99 12.69 6.08
N GLN B 129 7.23 12.96 6.49
CA GLN B 129 8.27 13.16 5.50
C GLN B 129 8.58 11.86 4.77
N TYR B 130 8.60 10.74 5.49
CA TYR B 130 9.04 9.48 4.93
C TYR B 130 7.89 8.56 4.54
N GLY B 131 6.65 8.94 4.80
CA GLY B 131 5.51 8.25 4.22
C GLY B 131 4.87 7.17 5.07
N PHE B 132 5.04 7.20 6.38
CA PHE B 132 4.38 6.27 7.28
C PHE B 132 3.01 6.77 7.72
N ASP B 133 2.13 5.82 8.05
CA ASP B 133 0.78 6.11 8.55
C ASP B 133 0.68 6.09 10.06
N GLY B 134 1.77 5.86 10.78
CA GLY B 134 1.65 5.81 12.22
C GLY B 134 2.93 5.34 12.87
N LEU B 135 2.91 5.39 14.21
CA LEU B 135 4.00 4.96 15.08
C LEU B 135 3.57 3.78 15.94
N ASP B 136 4.44 2.76 16.02
CA ASP B 136 4.29 1.62 16.93
C ASP B 136 5.35 1.77 18.02
N LEU B 137 4.90 1.92 19.27
CA LEU B 137 5.79 2.07 20.41
C LEU B 137 6.18 0.67 20.89
N ASP B 138 7.46 0.35 20.86
N ASP B 138 7.46 0.36 20.86
CA ASP B 138 7.95 -0.95 21.30
CA ASP B 138 7.93 -0.94 21.32
C ASP B 138 8.94 -0.80 22.45
C ASP B 138 8.94 -0.79 22.45
N TRP B 139 8.52 -0.14 23.52
CA TRP B 139 9.35 0.02 24.71
C TRP B 139 9.34 -1.26 25.51
N GLU B 140 10.50 -1.87 25.71
CA GLU B 140 10.58 -3.14 26.43
C GLU B 140 11.45 -2.95 27.66
N TYR B 141 10.83 -2.62 28.80
CA TYR B 141 9.42 -2.29 29.02
C TYR B 141 9.30 -1.15 30.05
N PRO B 142 8.20 -0.39 30.02
CA PRO B 142 7.99 0.58 31.10
C PRO B 142 8.01 -0.14 32.44
N GLY B 143 8.74 0.42 33.39
CA GLY B 143 8.75 -0.12 34.73
C GLY B 143 9.61 -1.36 34.94
N SER B 144 10.29 -1.83 33.89
CA SER B 144 11.18 -2.99 33.96
C SER B 144 12.49 -2.68 33.25
N ARG B 145 13.45 -3.60 33.39
CA ARG B 145 14.77 -3.51 32.75
C ARG B 145 15.41 -2.14 32.99
N GLY B 146 15.35 -1.67 34.23
CA GLY B 146 15.95 -0.41 34.62
C GLY B 146 15.03 0.80 34.59
N SER B 147 13.87 0.69 33.94
CA SER B 147 12.93 1.82 33.90
C SER B 147 12.24 1.96 35.25
N PRO B 148 12.14 3.18 35.81
CA PRO B 148 11.62 3.31 37.18
C PRO B 148 10.11 3.20 37.26
N PRO B 149 9.57 2.98 38.47
CA PRO B 149 8.13 2.75 38.62
C PRO B 149 7.25 3.82 38.00
N GLN B 150 7.65 5.09 38.02
CA GLN B 150 6.78 6.14 37.50
C GLN B 150 6.56 6.03 36.00
N ASP B 151 7.38 5.22 35.30
CA ASP B 151 7.22 5.10 33.86
C ASP B 151 5.97 4.34 33.47
N LYS B 152 5.38 3.57 34.37
CA LYS B 152 4.07 2.99 34.10
C LYS B 152 3.03 4.07 33.83
N HIS B 153 2.93 5.07 34.72
CA HIS B 153 1.97 6.13 34.46
C HIS B 153 2.40 7.02 33.29
N LEU B 154 3.70 7.34 33.21
CA LEU B 154 4.15 8.28 32.19
C LEU B 154 4.02 7.70 30.78
N PHE B 155 4.09 6.38 30.64
CA PHE B 155 3.82 5.75 29.36
C PHE B 155 2.40 6.05 28.91
N THR B 156 1.43 5.97 29.83
CA THR B 156 0.05 6.35 29.51
C THR B 156 -0.03 7.80 29.08
N VAL B 157 0.69 8.68 29.77
CA VAL B 157 0.64 10.10 29.45
C VAL B 157 1.17 10.35 28.06
N LEU B 158 2.28 9.69 27.71
CA LEU B 158 2.86 9.84 26.37
C LEU B 158 1.87 9.41 25.30
N VAL B 159 1.19 8.28 25.52
CA VAL B 159 0.29 7.78 24.48
C VAL B 159 -0.89 8.72 24.32
N LYS B 160 -1.43 9.20 25.43
CA LYS B 160 -2.54 10.16 25.40
C LYS B 160 -2.15 11.42 24.65
N GLU B 161 -0.97 11.96 24.98
CA GLU B 161 -0.50 13.18 24.32
C GLU B 161 -0.24 12.95 22.85
N MET B 162 0.36 11.80 22.51
N MET B 162 0.35 11.81 22.50
CA MET B 162 0.60 11.49 21.10
CA MET B 162 0.59 11.52 21.09
C MET B 162 -0.72 11.37 20.34
C MET B 162 -0.73 11.38 20.33
N ARG B 163 -1.69 10.66 20.90
CA ARG B 163 -2.99 10.50 20.26
C ARG B 163 -3.65 11.86 20.03
N GLU B 164 -3.62 12.73 21.03
CA GLU B 164 -4.20 14.06 20.86
C GLU B 164 -3.50 14.84 19.75
N ALA B 165 -2.17 14.77 19.69
CA ALA B 165 -1.43 15.51 18.68
C ALA B 165 -1.71 14.96 17.29
N PHE B 166 -1.84 13.63 17.17
CA PHE B 166 -2.16 13.04 15.89
C PHE B 166 -3.54 13.50 15.42
N GLU B 167 -4.51 13.56 16.34
CA GLU B 167 -5.87 13.95 15.95
C GLU B 167 -5.88 15.38 15.43
N GLN B 168 -5.13 16.28 16.08
CA GLN B 168 -5.11 17.66 15.62
C GLN B 168 -4.40 17.78 14.28
N GLU B 169 -3.29 17.06 14.10
CA GLU B 169 -2.58 17.12 12.83
C GLU B 169 -3.48 16.69 11.68
N ALA B 170 -4.34 15.69 11.92
CA ALA B 170 -5.23 15.22 10.85
C ALA B 170 -6.21 16.30 10.44
N ILE B 171 -6.72 17.07 11.41
CA ILE B 171 -7.66 18.14 11.11
C ILE B 171 -7.00 19.21 10.27
N GLU B 172 -5.78 19.61 10.65
CA GLU B 172 -5.10 20.71 9.98
C GLU B 172 -4.58 20.34 8.59
N SER B 173 -4.38 19.06 8.31
CA SER B 173 -3.75 18.62 7.06
C SER B 173 -4.72 18.00 6.07
N ASN B 174 -5.98 17.79 6.45
CA ASN B 174 -7.01 17.20 5.59
C ASN B 174 -6.65 15.78 5.17
N ARG B 175 -5.95 15.05 6.03
CA ARG B 175 -5.50 13.70 5.75
C ARG B 175 -5.92 12.78 6.86
N PRO B 176 -5.98 11.47 6.60
CA PRO B 176 -6.30 10.51 7.66
C PRO B 176 -5.31 10.63 8.82
N ARG B 177 -5.84 10.46 10.03
CA ARG B 177 -5.03 10.60 11.24
C ARG B 177 -3.94 9.53 11.28
N LEU B 178 -2.75 9.95 11.71
CA LEU B 178 -1.68 9.02 12.05
C LEU B 178 -2.12 8.11 13.20
N MET B 179 -1.76 6.83 13.10
CA MET B 179 -2.11 5.84 14.12
C MET B 179 -1.04 5.81 15.20
N VAL B 180 -1.45 5.43 16.41
CA VAL B 180 -0.51 5.11 17.48
C VAL B 180 -0.88 3.74 18.05
N THR B 181 0.09 2.82 18.00
CA THR B 181 -0.06 1.46 18.51
C THR B 181 1.12 1.18 19.42
N ALA B 182 1.08 0.03 20.10
CA ALA B 182 2.17 -0.37 20.97
C ALA B 182 2.29 -1.88 20.98
N ALA B 183 3.52 -2.37 21.00
CA ALA B 183 3.78 -3.77 21.28
C ALA B 183 4.00 -3.88 22.79
N VAL B 184 3.29 -4.82 23.42
CA VAL B 184 3.25 -4.92 24.86
C VAL B 184 3.63 -6.31 25.34
N ALA B 185 4.10 -6.36 26.59
CA ALA B 185 4.65 -7.57 27.16
C ALA B 185 3.62 -8.68 27.26
N GLY B 186 4.10 -9.92 27.13
CA GLY B 186 3.31 -11.10 27.42
C GLY B 186 3.57 -11.72 28.79
N GLY B 187 4.63 -11.30 29.48
CA GLY B 187 4.93 -11.82 30.81
C GLY B 187 4.20 -11.02 31.89
N ILE B 188 3.63 -11.73 32.86
CA ILE B 188 2.68 -11.09 33.75
C ILE B 188 3.38 -10.06 34.65
N SER B 189 4.55 -10.39 35.20
CA SER B 189 5.24 -9.43 36.04
C SER B 189 5.56 -8.15 35.28
N ASN B 190 6.02 -8.28 34.02
CA ASN B 190 6.24 -7.09 33.20
C ASN B 190 4.95 -6.32 32.93
N ILE B 191 3.85 -7.03 32.71
CA ILE B 191 2.57 -6.39 32.44
C ILE B 191 2.13 -5.56 33.63
N GLN B 192 2.24 -6.15 34.82
CA GLN B 192 1.80 -5.47 36.03
C GLN B 192 2.68 -4.26 36.33
N ALA B 193 3.97 -4.35 36.05
CA ALA B 193 4.88 -3.26 36.34
C ALA B 193 4.82 -2.13 35.32
N GLY B 194 4.24 -2.39 34.16
CA GLY B 194 4.42 -1.50 33.04
C GLY B 194 3.20 -0.74 32.54
N TYR B 195 1.99 -1.27 32.70
CA TYR B 195 0.87 -0.74 31.95
C TYR B 195 -0.36 -0.47 32.80
N GLU B 196 -0.94 0.70 32.61
CA GLU B 196 -2.26 1.06 33.14
C GLU B 196 -3.28 0.66 32.09
N ILE B 197 -3.71 -0.59 32.14
CA ILE B 197 -4.39 -1.18 30.98
C ILE B 197 -5.67 -0.45 30.62
N PRO B 198 -6.58 -0.14 31.54
CA PRO B 198 -7.84 0.52 31.11
C PRO B 198 -7.61 1.85 30.43
N GLU B 199 -6.79 2.72 31.02
CA GLU B 199 -6.61 4.05 30.43
C GLU B 199 -5.77 3.99 29.16
N LEU B 200 -4.71 3.20 29.17
CA LEU B 200 -3.89 3.03 27.97
C LEU B 200 -4.73 2.51 26.81
N SER B 201 -5.62 1.55 27.07
CA SER B 201 -6.45 0.97 26.02
C SER B 201 -7.33 2.00 25.32
N LYS B 202 -7.67 3.08 26.04
CA LYS B 202 -8.54 4.09 25.45
C LYS B 202 -7.85 4.82 24.30
N TYR B 203 -6.53 5.04 24.41
CA TYR B 203 -5.81 5.95 23.54
C TYR B 203 -5.02 5.24 22.45
N LEU B 204 -4.64 3.98 22.66
CA LEU B 204 -3.99 3.22 21.61
C LEU B 204 -5.01 2.81 20.54
N ASP B 205 -4.56 2.80 19.29
CA ASP B 205 -5.39 2.26 18.23
C ASP B 205 -5.39 0.73 18.25
N PHE B 206 -4.24 0.11 18.48
CA PHE B 206 -4.13 -1.34 18.59
C PHE B 206 -3.10 -1.66 19.66
N ILE B 207 -3.30 -2.82 20.29
CA ILE B 207 -2.42 -3.36 21.33
C ILE B 207 -1.85 -4.66 20.78
N HIS B 208 -0.55 -4.67 20.47
CA HIS B 208 0.12 -5.82 19.85
C HIS B 208 0.73 -6.63 20.97
N VAL B 209 0.05 -7.69 21.39
CA VAL B 209 0.50 -8.43 22.56
C VAL B 209 1.55 -9.45 22.12
N MET B 210 2.74 -9.35 22.71
CA MET B 210 3.86 -10.23 22.36
C MET B 210 3.71 -11.58 23.05
N THR B 211 2.75 -12.35 22.53
CA THR B 211 2.49 -13.70 23.01
C THR B 211 3.48 -14.69 22.38
N TYR B 212 4.76 -14.44 22.61
CA TYR B 212 5.81 -15.35 22.19
C TYR B 212 7.00 -15.14 23.12
N ASP B 213 8.08 -15.87 22.88
CA ASP B 213 9.18 -15.93 23.85
C ASP B 213 8.65 -16.30 25.24
N LEU B 214 7.58 -17.09 25.28
CA LEU B 214 7.02 -17.52 26.55
C LEU B 214 7.86 -18.60 27.21
N HIS B 215 8.67 -19.31 26.43
CA HIS B 215 9.67 -20.23 26.94
C HIS B 215 10.93 -20.07 26.09
N GLY B 216 12.08 -20.34 26.69
CA GLY B 216 13.35 -20.30 25.97
C GLY B 216 14.43 -20.86 26.87
N SER B 217 15.62 -21.00 26.30
CA SER B 217 16.70 -21.67 27.03
C SER B 217 17.08 -20.96 28.32
N TRP B 218 16.73 -19.69 28.46
CA TRP B 218 16.97 -18.97 29.71
C TRP B 218 16.41 -19.70 30.93
N GLU B 219 15.38 -20.54 30.74
CA GLU B 219 14.71 -21.17 31.88
C GLU B 219 15.38 -22.45 32.36
N GLY B 220 16.26 -23.05 31.57
CA GLY B 220 16.96 -24.26 31.96
C GLY B 220 16.28 -25.55 31.54
N TYR B 221 15.17 -25.48 30.82
CA TYR B 221 14.49 -26.66 30.32
C TYR B 221 13.71 -26.28 29.07
N THR B 222 13.30 -27.30 28.32
CA THR B 222 12.60 -27.06 27.07
C THR B 222 11.17 -26.57 27.33
N GLY B 223 10.69 -25.77 26.38
CA GLY B 223 9.32 -25.30 26.42
C GLY B 223 8.99 -24.65 25.10
N GLU B 224 7.71 -24.43 24.90
CA GLU B 224 7.21 -23.93 23.63
C GLU B 224 7.27 -22.41 23.57
N ASN B 225 7.43 -21.90 22.35
CA ASN B 225 7.63 -20.47 22.16
C ASN B 225 6.32 -19.73 22.32
N SER B 226 5.23 -20.30 21.81
CA SER B 226 3.93 -19.65 21.85
C SER B 226 2.85 -20.72 21.96
N PRO B 227 2.83 -21.50 23.04
CA PRO B 227 1.77 -22.49 23.21
C PRO B 227 0.43 -21.81 23.42
N LEU B 228 -0.62 -22.41 22.87
CA LEU B 228 -1.96 -21.84 23.01
C LEU B 228 -2.50 -22.00 24.43
N TYR B 229 -2.30 -23.18 25.02
CA TYR B 229 -2.83 -23.54 26.33
C TYR B 229 -1.70 -24.01 27.24
N LYS B 230 -2.02 -24.16 28.53
CA LYS B 230 -1.01 -24.62 29.46
C LYS B 230 -0.75 -26.11 29.27
N TYR B 231 0.42 -26.53 29.66
CA TYR B 231 0.76 -27.95 29.71
C TYR B 231 0.07 -28.59 30.91
N PRO B 232 -0.39 -29.84 30.79
CA PRO B 232 -1.32 -30.36 31.81
C PRO B 232 -0.75 -30.36 33.23
N THR B 233 0.56 -30.52 33.40
CA THR B 233 1.14 -30.58 34.73
C THR B 233 1.31 -29.20 35.37
N GLU B 234 1.20 -28.12 34.61
CA GLU B 234 1.52 -26.80 35.14
C GLU B 234 0.44 -26.32 36.10
N THR B 235 0.85 -25.81 37.26
CA THR B 235 -0.07 -25.27 38.25
C THR B 235 0.36 -23.93 38.84
N GLY B 236 1.60 -23.51 38.63
CA GLY B 236 2.12 -22.33 39.29
C GLY B 236 2.20 -21.14 38.37
N SER B 237 3.22 -20.32 38.56
CA SER B 237 3.41 -19.21 37.63
C SER B 237 3.72 -19.72 36.24
N ASN B 238 4.14 -20.98 36.12
CA ASN B 238 4.33 -21.57 34.79
C ASN B 238 3.02 -21.65 34.02
N ALA B 239 1.88 -21.67 34.71
CA ALA B 239 0.58 -21.69 34.04
C ALA B 239 0.22 -20.38 33.34
N TYR B 240 0.98 -19.30 33.56
CA TYR B 240 0.73 -18.04 32.87
C TYR B 240 1.29 -18.03 31.44
N LEU B 241 2.16 -18.99 31.11
CA LEU B 241 3.03 -18.92 29.94
C LEU B 241 2.37 -19.56 28.72
N ASN B 242 1.22 -19.02 28.37
CA ASN B 242 0.50 -19.48 27.19
C ASN B 242 -0.38 -18.36 26.67
N VAL B 243 -0.70 -18.49 25.38
CA VAL B 243 -1.42 -17.42 24.67
C VAL B 243 -2.77 -17.17 25.30
N ASP B 244 -3.50 -18.25 25.61
N ASP B 244 -3.51 -18.25 25.62
CA ASP B 244 -4.83 -18.13 26.20
CA ASP B 244 -4.83 -18.11 26.19
C ASP B 244 -4.79 -17.28 27.46
C ASP B 244 -4.79 -17.28 27.46
N TYR B 245 -3.87 -17.60 28.38
CA TYR B 245 -3.80 -16.85 29.62
C TYR B 245 -3.44 -15.39 29.37
N VAL B 246 -2.44 -15.14 28.52
CA VAL B 246 -1.93 -13.79 28.35
C VAL B 246 -2.98 -12.88 27.73
N MET B 247 -3.61 -13.33 26.64
CA MET B 247 -4.63 -12.52 25.98
C MET B 247 -5.80 -12.26 26.92
N ASN B 248 -6.25 -13.28 27.64
CA ASN B 248 -7.34 -13.09 28.60
C ASN B 248 -6.91 -12.26 29.80
N TYR B 249 -5.62 -12.28 30.17
CA TYR B 249 -5.16 -11.36 31.20
C TYR B 249 -5.39 -9.92 30.77
N TRP B 250 -5.00 -9.59 29.53
CA TRP B 250 -5.17 -8.23 29.01
C TRP B 250 -6.64 -7.87 28.89
N LYS B 251 -7.44 -8.80 28.35
CA LYS B 251 -8.85 -8.52 28.13
C LYS B 251 -9.58 -8.27 29.43
N ASN B 252 -9.32 -9.11 30.43
CA ASN B 252 -10.05 -9.05 31.69
C ASN B 252 -9.49 -8.01 32.64
N ASN B 253 -8.41 -7.33 32.29
CA ASN B 253 -7.90 -6.24 33.09
C ASN B 253 -8.04 -4.89 32.41
N GLY B 254 -8.91 -4.81 31.39
CA GLY B 254 -9.34 -3.52 30.89
C GLY B 254 -9.21 -3.26 29.40
N ALA B 255 -8.60 -4.17 28.63
CA ALA B 255 -8.41 -3.92 27.19
C ALA B 255 -9.57 -4.53 26.39
N PRO B 256 -10.19 -3.76 25.49
CA PRO B 256 -11.28 -4.31 24.68
C PRO B 256 -10.76 -5.33 23.67
N ALA B 257 -11.54 -6.40 23.48
CA ALA B 257 -11.07 -7.49 22.64
C ALA B 257 -10.72 -6.98 21.24
N GLU B 258 -11.50 -6.02 20.73
CA GLU B 258 -11.33 -5.59 19.35
C GLU B 258 -10.04 -4.83 19.09
N LYS B 259 -9.38 -4.30 20.13
CA LYS B 259 -8.09 -3.64 19.98
C LYS B 259 -6.91 -4.56 20.26
N LEU B 260 -7.17 -5.75 20.80
CA LEU B 260 -6.09 -6.66 21.15
C LEU B 260 -5.70 -7.48 19.93
N ILE B 261 -4.40 -7.50 19.62
CA ILE B 261 -3.85 -8.24 18.50
C ILE B 261 -2.96 -9.35 19.04
N VAL B 262 -3.20 -10.58 18.60
CA VAL B 262 -2.45 -11.74 19.09
C VAL B 262 -1.14 -11.87 18.34
N GLY B 263 -0.04 -12.02 19.08
CA GLY B 263 1.26 -12.14 18.46
C GLY B 263 1.56 -13.57 18.01
N PHE B 264 2.00 -13.70 16.75
CA PHE B 264 2.33 -14.96 16.11
C PHE B 264 3.81 -14.97 15.73
N PRO B 265 4.63 -15.89 16.24
CA PRO B 265 6.06 -15.90 15.88
C PRO B 265 6.33 -16.78 14.65
N GLU B 266 7.11 -16.27 13.71
CA GLU B 266 7.50 -17.04 12.52
C GLU B 266 8.93 -17.56 12.67
N TYR B 267 9.23 -17.95 13.91
CA TYR B 267 10.52 -18.46 14.33
C TYR B 267 10.27 -19.39 15.51
N GLY B 268 11.27 -20.19 15.86
CA GLY B 268 11.22 -20.99 17.05
C GLY B 268 12.47 -20.77 17.89
N HIS B 269 12.42 -21.23 19.14
CA HIS B 269 13.57 -21.19 20.02
C HIS B 269 14.28 -22.53 20.08
N THR B 270 15.60 -22.47 20.18
CA THR B 270 16.43 -23.66 20.20
C THR B 270 17.11 -23.84 21.54
N PHE B 271 17.37 -25.11 21.86
CA PHE B 271 17.93 -25.52 23.14
C PHE B 271 18.92 -26.67 22.89
N ILE B 272 19.90 -26.81 23.79
CA ILE B 272 20.75 -27.99 23.86
C ILE B 272 20.23 -28.86 25.01
N LEU B 273 19.94 -30.12 24.71
CA LEU B 273 19.43 -31.04 25.71
C LEU B 273 20.58 -31.59 26.56
N ARG B 274 20.37 -31.61 27.87
CA ARG B 274 21.35 -32.24 28.76
C ARG B 274 21.45 -33.73 28.48
N ASN B 275 20.31 -34.41 28.32
CA ASN B 275 20.26 -35.86 28.05
C ASN B 275 19.40 -36.08 26.82
N PRO B 276 20.01 -36.30 25.64
CA PRO B 276 19.23 -36.38 24.42
C PRO B 276 18.09 -37.38 24.44
N SER B 277 18.14 -38.41 25.28
CA SER B 277 17.00 -39.33 25.35
C SER B 277 15.84 -38.72 26.14
N ASP B 278 16.10 -37.68 26.91
CA ASP B 278 15.11 -36.95 27.70
C ASP B 278 14.75 -35.71 26.86
N ASN B 279 13.68 -35.81 26.06
CA ASN B 279 13.50 -34.85 24.99
C ASN B 279 12.06 -34.43 24.76
N GLY B 280 11.23 -34.51 25.80
CA GLY B 280 9.90 -33.95 25.76
C GLY B 280 9.86 -32.52 26.27
N ILE B 281 8.62 -32.07 26.56
CA ILE B 281 8.39 -30.78 27.18
C ILE B 281 8.92 -30.81 28.60
N GLY B 282 9.66 -29.77 28.98
CA GLY B 282 10.22 -29.66 30.32
C GLY B 282 11.49 -30.43 30.53
N ALA B 283 12.12 -30.93 29.46
CA ALA B 283 13.36 -31.66 29.58
C ALA B 283 14.52 -30.71 29.88
N PRO B 284 15.52 -31.17 30.63
CA PRO B 284 16.61 -30.25 31.04
C PRO B 284 17.52 -29.88 29.88
N THR B 285 17.97 -28.62 29.88
CA THR B 285 18.81 -28.08 28.82
C THR B 285 20.03 -27.38 29.41
N SER B 286 21.02 -27.09 28.56
CA SER B 286 22.26 -26.44 28.98
C SER B 286 22.58 -25.18 28.17
N GLY B 287 21.59 -24.59 27.50
CA GLY B 287 21.80 -23.34 26.80
C GLY B 287 21.13 -23.28 25.44
N ASP B 288 21.35 -22.17 24.73
CA ASP B 288 20.78 -21.98 23.40
C ASP B 288 21.30 -23.01 22.41
N GLY B 289 20.51 -23.25 21.38
CA GLY B 289 20.97 -23.99 20.23
C GLY B 289 21.90 -23.14 19.41
N PRO B 290 22.51 -23.75 18.39
CA PRO B 290 23.47 -23.00 17.57
C PRO B 290 22.77 -22.07 16.60
N ALA B 291 23.47 -20.99 16.26
CA ALA B 291 22.96 -20.03 15.30
C ALA B 291 22.57 -20.70 13.99
N GLY B 292 21.47 -20.23 13.39
CA GLY B 292 21.10 -20.63 12.06
C GLY B 292 22.06 -20.08 11.03
N PRO B 293 22.13 -20.71 9.85
CA PRO B 293 23.08 -20.22 8.84
C PRO B 293 22.75 -18.84 8.31
N TYR B 294 21.48 -18.43 8.39
CA TYR B 294 21.01 -17.18 7.82
C TYR B 294 20.72 -16.13 8.88
N THR B 295 20.03 -16.49 9.97
CA THR B 295 19.74 -15.52 11.00
C THR B 295 20.93 -15.29 11.96
N ARG B 296 21.80 -16.29 12.13
CA ARG B 296 23.11 -16.13 12.78
C ARG B 296 23.01 -15.56 14.21
N GLN B 297 22.08 -16.09 14.99
CA GLN B 297 21.92 -15.70 16.39
C GLN B 297 21.54 -16.95 17.17
N ALA B 298 22.42 -17.35 18.09
CA ALA B 298 22.13 -18.52 18.90
C ALA B 298 20.82 -18.32 19.65
N GLY B 299 20.00 -19.35 19.70
CA GLY B 299 18.78 -19.34 20.47
C GLY B 299 17.50 -19.34 19.66
N PHE B 300 17.57 -19.05 18.36
N PHE B 300 17.56 -19.01 18.37
CA PHE B 300 16.37 -19.07 17.55
CA PHE B 300 16.37 -19.08 17.55
C PHE B 300 16.73 -19.39 16.10
C PHE B 300 16.73 -19.40 16.11
N TRP B 301 15.74 -19.93 15.40
CA TRP B 301 15.81 -20.23 13.98
C TRP B 301 14.58 -19.64 13.30
N ALA B 302 14.77 -19.06 12.13
CA ALA B 302 13.65 -18.65 11.29
C ALA B 302 12.87 -19.89 10.84
N TYR B 303 11.60 -19.68 10.46
CA TYR B 303 10.80 -20.79 9.98
C TYR B 303 11.47 -21.48 8.79
N TYR B 304 12.08 -20.71 7.88
CA TYR B 304 12.73 -21.37 6.74
C TYR B 304 13.95 -22.19 7.17
N GLU B 305 14.66 -21.75 8.21
CA GLU B 305 15.75 -22.54 8.79
C GLU B 305 15.21 -23.79 9.48
N ILE B 306 14.03 -23.68 10.08
CA ILE B 306 13.41 -24.84 10.72
C ILE B 306 13.08 -25.90 9.70
N CYS B 307 12.54 -25.51 8.54
CA CYS B 307 12.22 -26.49 7.51
C CYS B 307 13.46 -27.26 7.08
N THR B 308 14.61 -26.59 6.99
CA THR B 308 15.86 -27.29 6.70
C THR B 308 16.22 -28.28 7.82
N PHE B 309 16.09 -27.84 9.09
CA PHE B 309 16.29 -28.72 10.25
C PHE B 309 15.41 -29.96 10.17
N LEU B 310 14.13 -29.79 9.82
CA LEU B 310 13.23 -30.93 9.76
C LEU B 310 13.63 -31.91 8.66
N ARG B 311 14.34 -31.45 7.64
CA ARG B 311 14.83 -32.30 6.57
C ARG B 311 16.23 -32.86 6.85
N SER B 312 16.82 -32.54 7.99
N SER B 312 16.82 -32.55 8.00
CA SER B 312 18.18 -32.96 8.33
CA SER B 312 18.17 -32.98 8.34
C SER B 312 18.21 -34.13 9.33
C SER B 312 18.19 -34.10 9.36
N GLY B 313 17.09 -34.83 9.51
CA GLY B 313 17.05 -35.99 10.37
C GLY B 313 16.34 -35.78 11.70
N ALA B 314 15.61 -34.69 11.84
CA ALA B 314 14.93 -34.38 13.10
C ALA B 314 13.63 -35.16 13.23
N THR B 315 13.22 -35.38 14.47
CA THR B 315 11.93 -35.98 14.78
C THR B 315 10.96 -34.88 15.20
N GLU B 316 9.80 -34.86 14.56
CA GLU B 316 8.76 -33.87 14.83
C GLU B 316 7.70 -34.49 15.72
N VAL B 317 7.24 -33.73 16.72
CA VAL B 317 6.24 -34.19 17.66
C VAL B 317 5.17 -33.11 17.78
N TRP B 318 3.92 -33.53 17.91
CA TRP B 318 2.82 -32.60 18.16
C TRP B 318 2.55 -32.53 19.65
N ASP B 319 2.69 -31.35 20.23
CA ASP B 319 2.37 -31.11 21.65
C ASP B 319 0.86 -30.92 21.71
N ALA B 320 0.15 -32.01 22.00
CA ALA B 320 -1.29 -32.01 21.77
C ALA B 320 -2.02 -31.09 22.74
N SER B 321 -1.57 -31.00 23.99
CA SER B 321 -2.25 -30.14 24.95
C SER B 321 -2.11 -28.67 24.59
N GLN B 322 -0.98 -28.28 24.01
CA GLN B 322 -0.66 -26.87 23.76
C GLN B 322 -0.85 -26.45 22.32
N GLU B 323 -1.13 -27.39 21.41
CA GLU B 323 -1.49 -27.10 20.02
C GLU B 323 -0.33 -26.50 19.26
N VAL B 324 0.88 -26.97 19.55
CA VAL B 324 2.06 -26.53 18.82
C VAL B 324 3.01 -27.70 18.63
N PRO B 325 3.87 -27.62 17.63
CA PRO B 325 4.86 -28.67 17.41
C PRO B 325 6.15 -28.44 18.18
N TYR B 326 6.91 -29.51 18.32
CA TYR B 326 8.32 -29.40 18.64
C TYR B 326 9.08 -30.46 17.86
N ALA B 327 10.40 -30.29 17.83
CA ALA B 327 11.25 -31.21 17.09
C ALA B 327 12.59 -31.33 17.79
N TYR B 328 13.25 -32.46 17.57
CA TYR B 328 14.57 -32.66 18.14
C TYR B 328 15.43 -33.47 17.20
N LYS B 329 16.73 -33.26 17.30
CA LYS B 329 17.71 -34.07 16.58
C LYS B 329 18.93 -34.13 17.48
N ALA B 330 19.26 -35.32 17.98
CA ALA B 330 20.40 -35.51 18.89
C ALA B 330 20.20 -34.56 20.07
N ASN B 331 21.12 -33.63 20.36
CA ASN B 331 21.02 -32.78 21.53
C ASN B 331 20.39 -31.43 21.22
N GLU B 332 19.79 -31.27 20.04
CA GLU B 332 19.13 -30.01 19.66
C GLU B 332 17.62 -30.18 19.77
N TRP B 333 16.98 -29.23 20.44
CA TRP B 333 15.54 -29.24 20.66
C TRP B 333 14.98 -27.90 20.22
N LEU B 334 13.79 -27.92 19.60
CA LEU B 334 13.19 -26.75 18.97
C LEU B 334 11.72 -26.65 19.36
N GLY B 335 11.32 -25.52 19.92
CA GLY B 335 9.92 -25.19 20.11
C GLY B 335 9.51 -24.13 19.11
N TYR B 336 8.47 -24.41 18.34
CA TYR B 336 8.17 -23.55 17.20
C TYR B 336 6.69 -23.61 16.82
N ASP B 337 6.38 -22.94 15.70
CA ASP B 337 5.03 -22.90 15.14
C ASP B 337 5.07 -23.32 13.68
N ASN B 338 4.00 -23.95 13.23
CA ASN B 338 3.90 -24.31 11.83
C ASN B 338 2.53 -23.95 11.28
N ILE B 339 2.18 -24.46 10.10
CA ILE B 339 0.90 -24.10 9.48
C ILE B 339 -0.24 -24.58 10.38
N LYS B 340 -0.12 -25.79 10.92
CA LYS B 340 -1.17 -26.34 11.76
C LYS B 340 -1.42 -25.47 12.99
N SER B 341 -0.36 -25.13 13.72
CA SER B 341 -0.53 -24.36 14.95
C SER B 341 -1.00 -22.95 14.65
N PHE B 342 -0.51 -22.35 13.56
CA PHE B 342 -1.04 -21.04 13.16
C PHE B 342 -2.55 -21.14 12.85
N SER B 343 -2.98 -22.23 12.21
CA SER B 343 -4.39 -22.40 11.90
C SER B 343 -5.23 -22.58 13.16
N VAL B 344 -4.76 -23.40 14.11
CA VAL B 344 -5.51 -23.60 15.35
C VAL B 344 -5.63 -22.28 16.11
N LYS B 345 -4.51 -21.56 16.25
CA LYS B 345 -4.56 -20.31 17.00
C LYS B 345 -5.37 -19.25 16.28
N ALA B 346 -5.37 -19.25 14.96
CA ALA B 346 -6.21 -18.30 14.23
C ALA B 346 -7.69 -18.58 14.48
N GLN B 347 -8.10 -19.85 14.42
CA GLN B 347 -9.48 -20.17 14.74
C GLN B 347 -9.84 -19.71 16.15
N TRP B 348 -8.92 -19.91 17.10
CA TRP B 348 -9.18 -19.50 18.48
C TRP B 348 -9.31 -17.98 18.60
N LEU B 349 -8.43 -17.22 17.97
CA LEU B 349 -8.52 -15.78 18.16
C LEU B 349 -9.80 -15.22 17.55
N LYS B 350 -10.27 -15.79 16.43
CA LYS B 350 -11.52 -15.32 15.84
C LYS B 350 -12.71 -15.61 16.75
N GLN B 351 -12.73 -16.79 17.37
CA GLN B 351 -13.82 -17.15 18.27
C GLN B 351 -13.88 -16.23 19.49
N ASN B 352 -12.76 -15.62 19.86
CA ASN B 352 -12.68 -14.71 21.00
C ASN B 352 -12.85 -13.24 20.62
N ASN B 353 -13.14 -12.96 19.35
CA ASN B 353 -13.43 -11.61 18.88
C ASN B 353 -12.24 -10.66 19.03
N PHE B 354 -11.03 -11.19 18.98
CA PHE B 354 -9.86 -10.31 19.00
C PHE B 354 -9.76 -9.57 17.67
N GLY B 355 -8.97 -8.49 17.68
CA GLY B 355 -8.82 -7.65 16.50
C GLY B 355 -8.06 -8.28 15.35
N GLY B 356 -7.33 -9.35 15.60
CA GLY B 356 -6.54 -9.96 14.55
C GLY B 356 -5.24 -10.50 15.09
N ALA B 357 -4.24 -10.57 14.21
CA ALA B 357 -2.95 -11.15 14.53
C ALA B 357 -1.83 -10.21 14.09
N MET B 358 -0.69 -10.32 14.76
CA MET B 358 0.54 -9.68 14.30
C MET B 358 1.61 -10.75 14.21
N ILE B 359 2.55 -10.53 13.30
N ILE B 359 2.51 -10.60 13.25
CA ILE B 359 3.59 -11.49 12.95
CA ILE B 359 3.56 -11.59 13.03
C ILE B 359 4.94 -10.89 13.28
C ILE B 359 4.92 -10.95 13.27
N TRP B 360 5.74 -11.62 14.06
CA TRP B 360 7.16 -11.30 14.21
C TRP B 360 7.91 -12.49 13.62
N ALA B 361 8.52 -12.34 12.45
CA ALA B 361 8.53 -11.20 11.53
C ALA B 361 8.46 -11.78 10.11
N ILE B 362 7.95 -11.01 9.17
CA ILE B 362 7.68 -11.55 7.84
C ILE B 362 8.95 -12.00 7.11
N ASP B 363 10.11 -11.44 7.47
CA ASP B 363 11.38 -11.84 6.87
C ASP B 363 11.89 -13.18 7.41
N LEU B 364 11.20 -13.77 8.37
CA LEU B 364 11.51 -15.08 8.92
C LEU B 364 10.63 -16.19 8.34
N ASP B 365 9.54 -15.83 7.65
CA ASP B 365 8.74 -16.77 6.87
C ASP B 365 9.57 -17.30 5.71
N ASP B 366 9.11 -18.39 5.08
CA ASP B 366 9.76 -18.91 3.88
C ASP B 366 9.33 -18.05 2.68
N PHE B 367 9.84 -16.82 2.65
CA PHE B 367 9.39 -15.84 1.66
C PHE B 367 9.80 -16.22 0.24
N THR B 368 10.90 -16.94 0.06
CA THR B 368 11.27 -17.40 -1.29
C THR B 368 10.48 -18.63 -1.70
N GLY B 369 9.87 -19.34 -0.74
CA GLY B 369 9.28 -20.62 -0.98
C GLY B 369 10.26 -21.75 -1.21
N SER B 370 11.56 -21.51 -1.09
CA SER B 370 12.52 -22.53 -1.49
C SER B 370 13.03 -23.40 -0.33
N PHE B 371 12.52 -23.23 0.88
CA PHE B 371 12.98 -24.04 2.00
C PHE B 371 11.97 -25.06 2.49
N CYS B 372 10.66 -24.76 2.40
CA CYS B 372 9.64 -25.54 3.08
C CYS B 372 8.69 -26.27 2.17
N ASP B 373 8.70 -26.01 0.87
CA ASP B 373 7.77 -26.64 -0.08
C ASP B 373 6.32 -26.42 0.32
N GLN B 374 6.02 -25.22 0.83
CA GLN B 374 4.65 -24.87 1.21
C GLN B 374 4.20 -23.59 0.51
N GLY B 375 4.87 -23.20 -0.58
CA GLY B 375 4.59 -21.94 -1.24
C GLY B 375 5.34 -20.77 -0.61
N LYS B 376 5.19 -19.62 -1.24
CA LYS B 376 5.79 -18.40 -0.72
C LYS B 376 5.01 -17.91 0.51
N PHE B 377 5.75 -17.47 1.52
CA PHE B 377 5.16 -16.96 2.75
C PHE B 377 4.12 -17.94 3.32
N PRO B 378 4.50 -19.18 3.61
CA PRO B 378 3.49 -20.15 4.06
C PRO B 378 2.82 -19.76 5.36
N LEU B 379 3.58 -19.27 6.35
CA LEU B 379 2.95 -18.94 7.62
C LEU B 379 2.09 -17.69 7.50
N THR B 380 2.58 -16.66 6.80
CA THR B 380 1.79 -15.44 6.63
C THR B 380 0.54 -15.68 5.78
N SER B 381 0.66 -16.49 4.72
CA SER B 381 -0.51 -16.81 3.90
C SER B 381 -1.56 -17.57 4.71
N THR B 382 -1.13 -18.42 5.64
CA THR B 382 -2.07 -19.15 6.47
C THR B 382 -2.97 -18.19 7.25
N LEU B 383 -2.37 -17.15 7.82
CA LEU B 383 -3.17 -16.20 8.59
C LEU B 383 -3.99 -15.29 7.68
N ASN B 384 -3.44 -14.90 6.53
CA ASN B 384 -4.18 -14.13 5.53
C ASN B 384 -5.45 -14.85 5.11
N LYS B 385 -5.36 -16.17 4.89
CA LYS B 385 -6.53 -16.95 4.51
C LYS B 385 -7.46 -17.17 5.70
N ALA B 386 -6.91 -17.50 6.86
CA ALA B 386 -7.77 -17.77 8.02
C ALA B 386 -8.54 -16.52 8.47
N LEU B 387 -7.92 -15.35 8.36
CA LEU B 387 -8.57 -14.10 8.78
C LEU B 387 -9.37 -13.41 7.68
N GLY B 388 -9.44 -13.99 6.48
CA GLY B 388 -10.16 -13.38 5.38
C GLY B 388 -9.63 -12.03 4.95
N ILE B 389 -8.31 -11.84 4.98
CA ILE B 389 -7.73 -10.53 4.68
C ILE B 389 -8.00 -10.14 3.23
N SER B 390 -7.85 -11.09 2.31
CA SER B 390 -7.91 -10.81 0.88
C SER B 390 -9.25 -11.24 0.29
C1 NAG C . -4.80 7.47 -9.09
C1 NAG C . -2.72 7.05 -13.55
C2 NAG C . -5.45 8.51 -8.08
C2 NAG C . -3.82 5.92 -13.21
C3 NAG C . -5.48 7.90 -6.60
C3 NAG C . -4.73 6.37 -12.06
C4 NAG C . -6.12 6.48 -6.64
C4 NAG C . -4.19 7.65 -11.34
C5 NAG C . -5.31 5.63 -7.72
C5 NAG C . -4.04 8.80 -12.43
C6 NAG C . -5.76 4.12 -7.84
C6 NAG C . -3.65 10.26 -11.86
C7 NAG C . -5.19 10.93 -8.83
C7 NAG C . -5.00 6.47 -15.40
C8 NAG C . -4.35 12.26 -8.91
C8 NAG C . -5.82 6.04 -16.70
N2 NAG C . -4.68 9.80 -8.16
N2 NAG C . -4.62 5.51 -14.43
O1 NAG C . -4.99 7.91 -10.38
O1 NAG C . -1.68 6.97 -12.65
O3 NAG C . -6.24 8.71 -5.76
O3 NAG C . -4.70 5.30 -11.21
O4 NAG C . -6.10 5.91 -5.34
O4 NAG C . -5.09 8.05 -10.30
O5 NAG C . -5.45 6.22 -8.98
O5 NAG C . -3.15 8.42 -13.45
O6 NAG C . -4.91 3.48 -8.75
O6 NAG C . -2.40 10.29 -11.25
O7 NAG C . -6.26 10.87 -9.35
O7 NAG C . -4.68 7.62 -15.25
H1 NAG C . -3.70 7.37 -8.86
H1 NAG C . -2.46 6.85 -14.63
H2 NAG C . -6.53 8.66 -8.36
H2 NAG C . -3.23 5.03 -12.84
H3 NAG C . -4.42 7.83 -6.21
H3 NAG C . -5.77 6.67 -12.38
H4 NAG C . -7.19 6.54 -6.96
H4 NAG C . -3.18 7.42 -10.90
H5 NAG C . -4.23 5.61 -7.44
H5 NAG C . -5.04 8.94 -12.92
H61 NAG C . -5.71 3.59 -6.86
H61 NAG C . -3.65 11.02 -12.67
H62 NAG C . -6.82 4.02 -8.18
H62 NAG C . -4.40 10.61 -11.11
H81 NAG C . -4.33 12.88 -8.01
H81 NAG C . -6.65 5.36 -16.54
H82 NAG C . -3.29 12.14 -9.14
H82 NAG C . -6.28 6.84 -17.27
H83 NAG C . -4.67 12.98 -9.68
H83 NAG C . -5.25 5.51 -17.47
HN2 NAG C . -3.79 9.80 -7.71
HN2 NAG C . -4.87 4.55 -14.52
HO1 NAG C . -5.52 8.71 -10.40
HO1 NAG C . -1.84 6.26 -12.01
HO3 NAG C . -7.17 8.62 -5.98
HO3 NAG C . -5.57 5.13 -10.86
HO6 NAG C . -4.51 4.15 -9.33
HO6 NAG C . -2.51 10.07 -10.32
C1 NAG C . -7.24 6.06 -4.52
C1 NAG C . -4.92 7.51 -9.00
C2 NAG C . -7.79 4.63 -4.10
C2 NAG C . -5.54 8.48 -7.88
C3 NAG C . -8.93 4.89 -3.03
C3 NAG C . -5.53 7.76 -6.48
C4 NAG C . -8.44 5.86 -1.88
C4 NAG C . -6.15 6.31 -6.61
C5 NAG C . -7.87 7.20 -2.50
C5 NAG C . -5.36 5.55 -7.73
C6 NAG C . -7.38 8.22 -1.38
C6 NAG C . -5.78 4.06 -7.93
C7 NAG C . -8.00 2.54 -5.58
C7 NAG C . -5.29 10.91 -8.55
C8 NAG C . -8.65 1.84 -6.76
C8 NAG C . -4.48 12.22 -8.59
N2 NAG C . -8.37 3.88 -5.26
N2 NAG C . -4.76 9.78 -7.88
O3 NAG C . -9.32 3.67 -2.49
O3 NAG C . -6.31 8.50 -5.56
O4 NAG C . -9.50 6.18 -1.08
O4 NAG C . -5.99 5.69 -5.40
O5 NAG C . -6.83 6.82 -3.38
O5 NAG C . -5.57 6.27 -8.97
O6 NAG C . -5.99 8.26 -1.30
O6 NAG C . -4.95 3.50 -8.93
O7 NAG C . -7.20 1.94 -4.94
O7 NAG C . -6.33 10.86 -9.10
H1 NAG C . -8.04 6.65 -5.07
H1 NAG C . -3.80 7.34 -8.82
H2 NAG C . -6.95 4.06 -3.62
H2 NAG C . -6.64 8.64 -8.09
H3 NAG C . -9.81 5.38 -3.54
H3 NAG C . -4.48 7.69 -6.11
H4 NAG C . -7.60 5.37 -1.30
H4 NAG C . -7.25 6.33 -6.90
H5 NAG C . -8.68 7.75 -3.07
H5 NAG C . -4.28 5.51 -7.43
H61 NAG C . -7.78 7.96 -0.37
H61 NAG C . -6.85 3.94 -8.24
H62 NAG C . -7.76 9.25 -1.57
H62 NAG C . -5.69 3.45 -7.00
H81 NAG C . -8.36 0.77 -6.77
H81 NAG C . -3.56 12.08 -9.19
H82 NAG C . -9.76 1.92 -6.68
H82 NAG C . -5.09 13.03 -9.04
H83 NAG C . -8.32 2.31 -7.70
H83 NAG C . -4.18 12.52 -7.55
HN2 NAG C . -9.04 4.36 -5.81
HN2 NAG C . -3.89 9.79 -7.42
HO3 NAG C . -8.85 2.96 -2.94
HO3 NAG C . -6.44 9.39 -5.90
HO4 NAG C . -10.20 6.55 -1.63
HO4 NAG C . -5.11 5.89 -5.06
HO6 NAG C . -5.62 7.51 -1.79
HO6 NAG C . -4.42 4.21 -9.32
C1 NAG D . 7.07 10.27 -11.74
C2 NAG D . 6.08 9.89 -12.88
C3 NAG D . 4.63 10.03 -12.38
C4 NAG D . 4.46 9.22 -11.11
C5 NAG D . 5.52 9.66 -10.06
C6 NAG D . 5.42 8.70 -8.80
C7 NAG D . 6.67 10.27 -15.32
C8 NAG D . 6.84 11.33 -16.46
N2 NAG D . 6.28 10.75 -14.06
O1 NAG D . 8.33 9.88 -12.19
O3 NAG D . 3.82 9.44 -13.32
O4 NAG D . 3.16 9.41 -10.62
O5 NAG D . 6.82 9.57 -10.55
O6 NAG D . 6.36 9.10 -7.92
O7 NAG D . 6.86 9.11 -15.51
H1 NAG D . 7.01 11.38 -11.52
H2 NAG D . 6.27 8.80 -13.11
H3 NAG D . 4.35 11.11 -12.18
H4 NAG D . 4.66 8.15 -11.35
H5 NAG D . 5.39 10.74 -9.77
H61 NAG D . 4.41 8.76 -8.31
H62 NAG D . 5.56 7.63 -9.07
H81 NAG D . 7.39 11.01 -17.34
H82 NAG D . 5.91 11.71 -16.90
H83 NAG D . 7.36 12.25 -16.19
HN2 NAG D . 6.12 11.73 -13.90
HO1 NAG D . 8.70 10.54 -12.79
HO3 NAG D . 4.13 8.54 -13.47
HO6 NAG D . 7.03 9.59 -8.41
C1 NAG D . 2.22 8.48 -11.11
C2 NAG D . 0.93 8.66 -10.25
C3 NAG D . -0.13 7.65 -10.73
C4 NAG D . -0.36 7.88 -12.25
C5 NAG D . 1.00 7.77 -13.03
C6 NAG D . 0.77 8.00 -14.61
C7 NAG D . 1.44 9.57 -8.02
C8 NAG D . 1.92 9.37 -6.62
N2 NAG D . 1.37 8.46 -8.87
O3 NAG D . -1.30 7.92 -9.99
O4 NAG D . -1.16 6.86 -12.72
O5 NAG D . 1.95 8.71 -12.48
O6 NAG D . 1.60 7.13 -15.34
O7 NAG D . 1.14 10.65 -8.39
H1 NAG D . 2.66 7.44 -11.08
H2 NAG D . 0.42 9.64 -10.42
H3 NAG D . 0.18 6.59 -10.56
H4 NAG D . -0.80 8.90 -12.43
H5 NAG D . 1.45 6.75 -12.92
H61 NAG D . 0.99 9.05 -14.91
H62 NAG D . -0.29 7.82 -14.90
H81 NAG D . 3.01 9.13 -6.62
H82 NAG D . 1.76 10.30 -6.03
H83 NAG D . 1.37 8.53 -6.14
HN2 NAG D . 1.60 7.54 -8.56
HO3 NAG D . -1.14 8.63 -9.35
HO4 NAG D . -0.68 6.03 -12.57
HO6 NAG D . 1.05 6.44 -15.72
C1 NAG E . 14.60 -9.36 18.69
C1 NAG E . 10.37 -8.51 20.98
C2 NAG E . 15.26 -10.27 17.58
C2 NAG E . 10.83 -7.23 20.17
C3 NAG E . 16.84 -10.03 17.62
C3 NAG E . 11.92 -7.58 19.10
C4 NAG E . 17.11 -8.51 17.36
C4 NAG E . 12.34 -9.07 19.22
C5 NAG E . 16.34 -7.72 18.50
C5 NAG E . 11.05 -9.97 19.19
C6 NAG E . 16.56 -6.16 18.41
C6 NAG E . 11.40 -11.53 19.08
C7 NAG E . 14.12 -12.40 16.84
C7 NAG E . 8.61 -7.18 18.94
C8 NAG E . 13.80 -13.91 17.14
C8 NAG E . 7.47 -6.29 18.30
N2 NAG E . 14.87 -11.67 17.78
N2 NAG E . 9.68 -6.51 19.54
O1 NAG E . 13.23 -9.46 18.56
O1 NAG E . 11.37 -8.73 21.92
O3 NAG E . 17.47 -10.74 16.62
O3 NAG E . 12.97 -6.72 19.40
O4 NAG E . 18.51 -8.25 17.29
O4 NAG E . 13.21 -9.43 18.13
O5 NAG E . 14.95 -7.99 18.46
O5 NAG E . 10.24 -9.74 20.28
O6 NAG E . 15.88 -5.56 19.45
O6 NAG E . 12.03 -12.02 20.23
O7 NAG E . 13.76 -11.90 15.81
O7 NAG E . 8.57 -8.37 18.88
H1 NAG E . 14.93 -9.68 19.72
H1 NAG E . 9.32 -8.28 21.35
H2 NAG E . 14.90 -9.92 16.56
H2 NAG E . 11.32 -6.57 20.94
H3 NAG E . 17.25 -10.36 18.61
H3 NAG E . 11.58 -7.47 18.03
H4 NAG E . 16.69 -8.20 16.37
H4 NAG E . 12.88 -9.19 20.20
H5 NAG E . 16.71 -8.06 19.51
H5 NAG E . 10.42 -9.72 18.31
H61 NAG E . 17.64 -5.88 18.45
H61 NAG E . 10.48 -12.14 18.91
H62 NAG E . 16.18 -5.75 17.44
H62 NAG E . 12.06 -11.74 18.21
H81 NAG E . 13.35 -14.12 18.12
H81 NAG E . 6.75 -5.87 19.00
H82 NAG E . 13.10 -14.39 16.46
H82 NAG E . 7.80 -5.40 17.76
H83 NAG E . 14.64 -14.60 17.13
H83 NAG E . 6.83 -6.79 17.57
HN2 NAG E . 15.18 -12.09 18.64
HN2 NAG E . 9.72 -5.52 19.58
HO1 NAG E . 12.93 -10.36 18.75
HO1 NAG E . 11.35 -8.07 22.62
HO3 NAG E . 17.30 -10.32 15.76
HO3 NAG E . 13.58 -7.15 19.98
HO6 NAG E . 15.12 -6.10 19.69
HO6 NAG E . 11.61 -11.67 21.01
C1 NAG E . 19.12 -8.15 16.01
C1 NAG E . 14.61 -9.33 18.35
C2 NAG E . 19.83 -6.72 15.85
C2 NAG E . 15.38 -10.31 17.37
C3 NAG E . 20.69 -6.79 14.53
C3 NAG E . 16.92 -10.09 17.58
C4 NAG E . 21.63 -8.04 14.54
C4 NAG E . 17.29 -8.58 17.44
C5 NAG E . 20.76 -9.30 14.69
C5 NAG E . 16.39 -7.72 18.39
C6 NAG E . 21.62 -10.61 14.69
C6 NAG E . 16.66 -6.16 18.27
C7 NAG E . 18.91 -4.42 16.46
C7 NAG E . 14.24 -12.47 16.73
C8 NAG E . 17.79 -3.42 16.28
C8 NAG E . 13.92 -13.88 17.16
N2 NAG E . 18.81 -5.65 15.74
N2 NAG E . 14.97 -11.69 17.67
O3 NAG E . 21.46 -5.64 14.46
O3 NAG E . 17.63 -10.80 16.61
O4 NAG E . 22.29 -8.11 13.35
O4 NAG E . 18.61 -8.44 17.81
O5 NAG E . 20.06 -9.20 15.91
O5 NAG E . 15.01 -7.99 18.07
O6 NAG E . 22.17 -10.80 15.95
O6 NAG E . 15.78 -5.50 19.11
O7 NAG E . 19.80 -4.16 17.19
O7 NAG E . 13.93 -12.04 15.67
H1 NAG E . 18.33 -8.30 15.19
H1 NAG E . 14.81 -9.53 19.44
H2 NAG E . 20.52 -6.56 16.71
H2 NAG E . 15.15 -10.03 16.31
H3 NAG E . 20.01 -6.85 13.64
H3 NAG E . 17.20 -10.47 18.61
H4 NAG E . 22.36 -7.99 15.41
H4 NAG E . 17.10 -8.19 16.39
H5 NAG E . 20.04 -9.38 13.82
H5 NAG E . 16.60 -8.00 19.46
H61 NAG E . 22.45 -10.57 13.94
H61 NAG E . 16.53 -5.79 17.22
H62 NAG E . 21.04 -11.51 14.40
H62 NAG E . 17.71 -5.88 18.53
H81 NAG E . 16.85 -3.81 16.74
H81 NAG E . 14.85 -14.41 17.48
H82 NAG E . 18.05 -2.46 16.78
H82 NAG E . 13.21 -13.87 18.03
H83 NAG E . 17.60 -3.22 15.20
H83 NAG E . 13.45 -14.45 16.33
HN2 NAG E . 18.03 -5.83 15.13
HN2 NAG E . 15.22 -12.06 18.56
HO3 NAG E . 22.07 -5.62 15.22
HO3 NAG E . 17.38 -10.48 15.73
HO4 NAG E . 23.16 -8.50 13.51
HO4 NAG E . 18.69 -8.66 18.74
HO6 NAG E . 21.74 -10.18 16.57
HO6 NAG E . 15.38 -6.13 19.71
C1 NAG F . 11.72 -14.08 29.64
C2 NAG F . 10.52 -13.33 28.99
C3 NAG F . 10.83 -13.07 27.48
C4 NAG F . 12.25 -12.46 27.29
C5 NAG F . 13.33 -13.25 28.14
C6 NAG F . 14.75 -12.54 28.10
C7 NAG F . 8.14 -13.68 29.79
C8 NAG F . 6.83 -14.56 29.80
N2 NAG F . 9.26 -14.12 29.08
O1 NAG F . 11.41 -14.11 30.97
O3 NAG F . 9.88 -12.15 27.03
O4 NAG F . 12.57 -12.52 25.91
O5 NAG F . 12.93 -13.38 29.48
O6 NAG F . 15.72 -13.48 28.37
O7 NAG F . 8.17 -12.64 30.36
H1 NAG F . 11.87 -15.11 29.20
H2 NAG F . 10.45 -12.36 29.54
H3 NAG F . 10.81 -14.03 26.88
H4 NAG F . 12.25 -11.42 27.69
H5 NAG F . 13.43 -14.29 27.77
H61 NAG F . 14.95 -12.06 27.11
H62 NAG F . 14.82 -11.71 28.85
H81 NAG F . 6.99 -15.63 29.97
H82 NAG F . 6.09 -14.31 30.55
H83 NAG F . 6.25 -14.57 28.87
HN2 NAG F . 9.25 -14.99 28.59
HO1 NAG F . 10.54 -13.71 31.13
HO3 NAG F . 10.34 -11.34 26.75
HO6 NAG F . 15.42 -14.01 29.12
C1 NAG F . 12.44 -11.35 25.16
C2 NAG F . 13.23 -11.57 23.82
C3 NAG F . 13.01 -10.30 22.98
C4 NAG F . 11.47 -10.01 22.79
C5 NAG F . 10.74 -9.99 24.14
C6 NAG F . 9.17 -9.94 23.95
C7 NAG F . 15.29 -12.94 23.93
C8 NAG F . 16.72 -13.05 24.38
N2 NAG F . 14.64 -11.74 24.19
O3 NAG F . 13.58 -10.53 21.72
O4 NAG F . 11.38 -8.74 22.22
O5 NAG F . 11.06 -11.16 24.90
O6 NAG F . 8.61 -9.46 25.13
O7 NAG F . 14.75 -13.84 23.38
H1 NAG F . 12.78 -10.45 25.73
H2 NAG F . 12.85 -12.42 23.21
H3 NAG F . 13.48 -9.41 23.48
H4 NAG F . 10.98 -10.81 22.17
H5 NAG F . 11.07 -9.08 24.72
H61 NAG F . 8.74 -10.94 23.70
H62 NAG F . 8.87 -9.29 23.09
H81 NAG F . 16.77 -13.02 25.49
H82 NAG F . 17.16 -14.01 24.02
H83 NAG F . 17.32 -12.21 23.96
HN2 NAG F . 15.09 -10.99 24.64
HO3 NAG F . 14.05 -11.38 21.73
HO4 NAG F . 11.77 -8.09 22.83
HO6 NAG F . 8.25 -10.20 25.63
#